data_8IRM
#
_entry.id   8IRM
#
_cell.length_a   1.00
_cell.length_b   1.00
_cell.length_c   1.00
_cell.angle_alpha   90.00
_cell.angle_beta   90.00
_cell.angle_gamma   90.00
#
_symmetry.space_group_name_H-M   'P 1'
#
loop_
_entity.id
_entity.type
_entity.pdbx_description
1 polymer 'Adenine/guanine permease AZG1'
2 branched 2-acetamido-2-deoxy-beta-D-glucopyranose-(1-4)-2-acetamido-2-deoxy-beta-D-glucopyranose
3 non-polymer ADENINE
4 water water
#
_entity_poly.entity_id   1
_entity_poly.type   'polypeptide(L)'
_entity_poly.pdbx_seq_one_letter_code
;MEQQQQQQLPSTTTRPKPKLLNRLNTYVGSSRVGKRFKLAERNSTFTTELRAGTATFLTMAYILAVNASILSDSGGTCSV
SDCIPLCSNPAIEPSQCTGPGLRLIQPDVSCKFNPVNPGYAACVEEIRKDLIVATVAASLIGCVIMGLMANLPLALAPGM
GTNAYFAYTVVGFHGSGSISYRTALAAVFIEGLIFLFISAIGFRAKLAKLVPKPVRISSSAGIGLFLAFIGLQNNQGIGL
VGYSPSTLVTLAACPASSRISLAPVITSANGTVSLLAGGSVSGDIMCIHGRMESPTFWLGIVGFVIIAYCLVKNVKGAMI
YGIVFVTAVSWFRNTEVTAFPNTSAGDAAHDYFKKIVDVHVIKHTAGALSFSGINKGHFWEALVTFLYVDILDTTGTLYS
MARFAGFVDEKGDFAGQYFAFMSDASAIVIGSLLGTSPVTVFIESSTGIREGGRTGLTAITVAVYFLLAMFFTPLLASIP
AWAVGPPLILVGVMMMKSVTEIDWEDMREAIPAFVTMILMPLTYSVAYGLIGGIGSYVVLHLWDWGEEGLVKLGFLKRKV
KEEDNNNGVVKASEIDTTVSGRDYKDDDDKWSHPQFEKGGGGSGGSAWSHPQFEK
;
_entity_poly.pdbx_strand_id   A,B
#
loop_
_chem_comp.id
_chem_comp.type
_chem_comp.name
_chem_comp.formula
ADE non-polymer ADENINE 'C5 H5 N5'
NAG D-saccharide, beta linking 2-acetamido-2-deoxy-beta-D-glucopyranose 'C8 H15 N O6'
#
# COMPACT_ATOMS: atom_id res chain seq x y z
N PRO A 18 41.26 -22.00 -37.01
CA PRO A 18 41.14 -20.93 -36.02
C PRO A 18 41.02 -21.46 -34.59
N LYS A 19 39.79 -21.60 -34.10
CA LYS A 19 39.52 -22.10 -32.77
C LYS A 19 38.45 -23.18 -32.84
N LEU A 20 38.51 -24.11 -31.88
CA LEU A 20 37.50 -25.17 -31.81
C LEU A 20 36.10 -24.60 -31.65
N LEU A 21 35.97 -23.47 -30.94
CA LEU A 21 34.67 -22.84 -30.78
C LEU A 21 34.09 -22.39 -32.12
N ASN A 22 34.94 -21.79 -32.97
CA ASN A 22 34.48 -21.37 -34.30
C ASN A 22 34.11 -22.57 -35.15
N ARG A 23 34.87 -23.67 -35.03
CA ARG A 23 34.55 -24.88 -35.76
C ARG A 23 33.19 -25.43 -35.35
N LEU A 24 32.92 -25.47 -34.04
CA LEU A 24 31.61 -25.90 -33.57
C LEU A 24 30.51 -24.99 -34.08
N ASN A 25 30.75 -23.68 -34.05
CA ASN A 25 29.75 -22.72 -34.50
C ASN A 25 29.41 -22.93 -35.97
N THR A 26 30.44 -23.06 -36.82
CA THR A 26 30.16 -23.21 -38.25
C THR A 26 29.55 -24.57 -38.55
N TYR A 27 29.96 -25.62 -37.83
CA TYR A 27 29.37 -26.93 -38.04
C TYR A 27 27.89 -26.94 -37.68
N VAL A 28 27.54 -26.31 -36.56
CA VAL A 28 26.13 -26.25 -36.18
C VAL A 28 25.34 -25.38 -37.13
N GLY A 29 25.90 -24.24 -37.54
CA GLY A 29 25.19 -23.34 -38.42
C GLY A 29 24.93 -23.92 -39.79
N SER A 30 25.89 -24.69 -40.32
CA SER A 30 25.71 -25.30 -41.63
C SER A 30 24.92 -26.61 -41.57
N SER A 31 24.57 -27.09 -40.39
CA SER A 31 23.88 -28.37 -40.25
C SER A 31 22.39 -28.20 -40.50
N ARG A 32 21.69 -29.33 -40.45
CA ARG A 32 20.24 -29.32 -40.62
C ARG A 32 19.55 -28.59 -39.48
N VAL A 33 20.02 -28.81 -38.26
CA VAL A 33 19.45 -28.11 -37.10
C VAL A 33 19.69 -26.61 -37.22
N GLY A 34 20.87 -26.21 -37.67
CA GLY A 34 21.16 -24.79 -37.82
C GLY A 34 20.24 -24.11 -38.81
N LYS A 35 19.95 -24.78 -39.92
CA LYS A 35 19.04 -24.21 -40.91
C LYS A 35 17.60 -24.25 -40.41
N ARG A 36 17.23 -25.27 -39.63
CA ARG A 36 15.89 -25.33 -39.07
C ARG A 36 15.65 -24.18 -38.09
N PHE A 37 16.64 -23.85 -37.28
CA PHE A 37 16.55 -22.75 -36.33
C PHE A 37 16.92 -21.40 -36.94
N LYS A 38 17.31 -21.37 -38.22
CA LYS A 38 17.64 -20.14 -38.92
C LYS A 38 18.78 -19.40 -38.22
N LEU A 39 19.80 -20.15 -37.79
CA LEU A 39 20.94 -19.55 -37.10
C LEU A 39 21.71 -18.60 -38.01
N ALA A 40 21.96 -19.03 -39.25
CA ALA A 40 22.69 -18.19 -40.19
C ALA A 40 21.90 -16.94 -40.54
N GLU A 41 20.59 -17.07 -40.74
CA GLU A 41 19.77 -15.94 -41.16
C GLU A 41 19.61 -14.89 -40.06
N ARG A 42 19.94 -15.22 -38.81
CA ARG A 42 19.80 -14.29 -37.70
C ARG A 42 21.13 -13.88 -37.10
N ASN A 43 22.25 -14.28 -37.72
CA ASN A 43 23.59 -13.78 -37.39
C ASN A 43 24.05 -14.25 -36.01
N SER A 44 23.78 -15.51 -35.68
CA SER A 44 24.27 -16.14 -34.46
C SER A 44 24.04 -17.64 -34.56
N THR A 45 25.05 -18.47 -34.31
CA THR A 45 24.90 -19.89 -34.60
C THR A 45 24.83 -20.78 -33.37
N PHE A 46 25.89 -20.88 -32.59
CA PHE A 46 25.64 -21.81 -31.49
C PHE A 46 26.08 -21.29 -30.14
N THR A 47 27.24 -20.64 -30.06
CA THR A 47 27.74 -20.21 -28.76
C THR A 47 27.01 -18.97 -28.29
N THR A 48 26.60 -18.10 -29.21
CA THR A 48 25.77 -16.95 -28.84
C THR A 48 24.45 -17.41 -28.25
N GLU A 49 23.84 -18.45 -28.84
CA GLU A 49 22.60 -18.99 -28.30
C GLU A 49 22.80 -19.58 -26.91
N LEU A 50 23.91 -20.30 -26.72
CA LEU A 50 24.20 -20.88 -25.41
C LEU A 50 24.41 -19.80 -24.36
N ARG A 51 25.18 -18.75 -24.69
CA ARG A 51 25.39 -17.67 -23.74
C ARG A 51 24.10 -16.93 -23.43
N ALA A 52 23.27 -16.71 -24.46
CA ALA A 52 21.99 -16.04 -24.24
C ALA A 52 21.08 -16.87 -23.35
N GLY A 53 21.03 -18.18 -23.58
CA GLY A 53 20.24 -19.04 -22.72
C GLY A 53 20.75 -19.06 -21.29
N THR A 54 22.07 -19.08 -21.13
CA THR A 54 22.65 -19.03 -19.78
C THR A 54 22.31 -17.73 -19.08
N ALA A 55 22.40 -16.61 -19.79
CA ALA A 55 22.06 -15.32 -19.19
C ALA A 55 20.58 -15.26 -18.81
N THR A 56 19.70 -15.74 -19.69
CA THR A 56 18.28 -15.75 -19.39
C THR A 56 17.99 -16.62 -18.17
N PHE A 57 18.60 -17.80 -18.11
CA PHE A 57 18.36 -18.68 -16.96
C PHE A 57 18.89 -18.07 -15.68
N LEU A 58 20.07 -17.46 -15.73
CA LEU A 58 20.60 -16.80 -14.54
C LEU A 58 19.68 -15.69 -14.07
N THR A 59 19.10 -14.93 -15.01
CA THR A 59 18.25 -13.81 -14.62
C THR A 59 16.89 -14.28 -14.15
N MET A 60 16.41 -15.44 -14.61
CA MET A 60 15.06 -15.90 -14.30
C MET A 60 14.99 -17.01 -13.27
N ALA A 61 16.12 -17.56 -12.83
CA ALA A 61 16.08 -18.77 -12.03
C ALA A 61 15.62 -18.53 -10.60
N TYR A 62 15.44 -17.28 -10.19
CA TYR A 62 14.84 -17.00 -8.89
C TYR A 62 13.45 -17.59 -8.77
N ILE A 63 12.80 -17.83 -9.92
CA ILE A 63 11.45 -18.39 -9.90
C ILE A 63 11.45 -19.78 -9.28
N LEU A 64 12.55 -20.53 -9.47
CA LEU A 64 12.66 -21.87 -8.92
C LEU A 64 12.45 -21.89 -7.41
N ALA A 65 12.80 -20.80 -6.73
CA ALA A 65 12.54 -20.65 -5.31
C ALA A 65 11.20 -19.96 -5.05
N VAL A 66 10.99 -18.82 -5.71
CA VAL A 66 9.88 -17.94 -5.35
C VAL A 66 8.55 -18.59 -5.69
N ASN A 67 8.41 -19.13 -6.89
CA ASN A 67 7.14 -19.72 -7.29
C ASN A 67 6.79 -20.92 -6.42
N ALA A 68 7.78 -21.77 -6.14
CA ALA A 68 7.54 -22.94 -5.33
C ALA A 68 7.08 -22.54 -3.93
N SER A 69 7.79 -21.59 -3.31
CA SER A 69 7.42 -21.17 -1.96
C SER A 69 6.03 -20.54 -1.94
N ILE A 70 5.75 -19.66 -2.91
CA ILE A 70 4.47 -18.96 -2.93
C ILE A 70 3.33 -19.95 -3.12
N LEU A 71 3.43 -20.84 -4.10
CA LEU A 71 2.36 -21.81 -4.34
C LEU A 71 2.28 -22.82 -3.21
N SER A 72 3.37 -23.04 -2.48
CA SER A 72 3.30 -23.91 -1.32
C SER A 72 2.54 -23.27 -0.18
N ASP A 73 2.67 -21.96 -0.01
CA ASP A 73 1.89 -21.26 1.00
C ASP A 73 0.39 -21.40 0.75
N SER A 74 0.00 -21.69 -0.49
CA SER A 74 -1.39 -21.93 -0.84
C SER A 74 -1.95 -23.22 -0.22
N GLY A 75 -1.09 -24.11 0.23
CA GLY A 75 -1.53 -25.37 0.81
C GLY A 75 -1.66 -26.52 -0.16
N GLY A 76 -1.74 -26.25 -1.46
CA GLY A 76 -1.83 -27.31 -2.44
C GLY A 76 -3.08 -28.14 -2.26
N THR A 77 -2.97 -29.44 -2.55
CA THR A 77 -4.08 -30.37 -2.44
C THR A 77 -4.30 -30.85 -1.01
N CYS A 78 -3.50 -30.37 -0.06
CA CYS A 78 -3.67 -30.78 1.33
C CYS A 78 -4.97 -30.26 1.90
N SER A 79 -5.68 -31.11 2.63
CA SER A 79 -6.95 -30.79 3.23
C SER A 79 -6.94 -31.19 4.72
N VAL A 80 -8.12 -31.11 5.33
CA VAL A 80 -8.27 -31.53 6.73
C VAL A 80 -8.04 -33.03 6.87
N SER A 81 -8.28 -33.81 5.81
CA SER A 81 -8.06 -35.25 5.87
C SER A 81 -6.58 -35.60 6.09
N ASP A 82 -5.67 -34.70 5.77
CA ASP A 82 -4.25 -34.90 6.05
C ASP A 82 -3.87 -34.52 7.47
N CYS A 83 -4.75 -33.85 8.21
CA CYS A 83 -4.49 -33.49 9.59
C CYS A 83 -4.66 -34.71 10.49
N ILE A 84 -3.68 -34.96 11.34
CA ILE A 84 -3.72 -36.10 12.25
C ILE A 84 -4.44 -35.70 13.53
N PRO A 85 -5.16 -36.61 14.17
CA PRO A 85 -5.73 -36.29 15.49
C PRO A 85 -4.63 -36.04 16.51
N LEU A 86 -4.89 -35.07 17.41
CA LEU A 86 -3.93 -34.67 18.42
C LEU A 86 -4.47 -34.99 19.81
N CYS A 87 -3.57 -35.32 20.73
CA CYS A 87 -3.99 -35.70 22.07
C CYS A 87 -4.48 -34.47 22.84
N SER A 88 -5.07 -34.75 24.01
CA SER A 88 -5.55 -33.68 24.87
C SER A 88 -4.41 -32.79 25.35
N ASN A 89 -3.29 -33.38 25.73
CA ASN A 89 -2.14 -32.60 26.18
C ASN A 89 -1.00 -32.71 25.19
N PRO A 90 -0.24 -31.63 24.98
CA PRO A 90 0.90 -31.71 24.04
C PRO A 90 2.02 -32.61 24.52
N ALA A 91 2.10 -32.91 25.81
CA ALA A 91 3.21 -33.69 26.34
C ALA A 91 3.12 -35.16 25.99
N ILE A 92 2.01 -35.63 25.43
CA ILE A 92 1.81 -37.04 25.14
C ILE A 92 1.62 -37.21 23.64
N GLU A 93 2.43 -38.07 23.04
CA GLU A 93 2.28 -38.40 21.63
C GLU A 93 0.97 -39.14 21.42
N PRO A 94 0.29 -38.91 20.28
CA PRO A 94 -1.08 -39.43 20.12
C PRO A 94 -1.23 -40.93 20.29
N SER A 95 -0.19 -41.72 20.03
CA SER A 95 -0.32 -43.17 20.19
C SER A 95 -0.50 -43.55 21.66
N GLN A 96 0.12 -42.81 22.57
CA GLN A 96 0.03 -43.07 24.01
C GLN A 96 -1.08 -42.25 24.65
N CYS A 97 -2.05 -41.82 23.86
CA CYS A 97 -3.09 -40.90 24.35
C CYS A 97 -4.31 -41.69 24.83
N THR A 98 -4.09 -42.51 25.85
CA THR A 98 -5.14 -43.31 26.48
C THR A 98 -5.00 -43.16 27.99
N GLY A 99 -5.97 -42.52 28.63
CA GLY A 99 -5.93 -42.32 30.05
C GLY A 99 -7.15 -41.58 30.57
N PRO A 100 -7.19 -41.33 31.87
CA PRO A 100 -8.34 -40.59 32.45
C PRO A 100 -8.30 -39.13 32.05
N GLY A 101 -9.42 -38.64 31.54
CA GLY A 101 -9.49 -37.26 31.07
C GLY A 101 -8.65 -36.98 29.86
N LEU A 102 -8.20 -38.01 29.16
CA LEU A 102 -7.32 -37.87 28.00
C LEU A 102 -8.04 -38.41 26.77
N ARG A 103 -8.01 -37.65 25.67
CA ARG A 103 -8.74 -38.02 24.48
C ARG A 103 -8.00 -37.47 23.26
N LEU A 104 -8.34 -38.03 22.09
CA LEU A 104 -7.80 -37.56 20.83
C LEU A 104 -8.77 -36.55 20.22
N ILE A 105 -8.25 -35.38 19.84
CA ILE A 105 -9.05 -34.32 19.28
C ILE A 105 -9.12 -34.51 17.77
N GLN A 106 -10.32 -34.76 17.26
CA GLN A 106 -10.49 -34.92 15.82
C GLN A 106 -10.22 -33.59 15.11
N PRO A 107 -9.44 -33.59 14.04
CA PRO A 107 -9.07 -32.32 13.39
C PRO A 107 -10.25 -31.70 12.65
N ASP A 108 -10.34 -30.38 12.72
CA ASP A 108 -11.36 -29.60 12.04
C ASP A 108 -10.67 -28.64 11.07
N VAL A 109 -11.45 -27.71 10.52
CA VAL A 109 -10.92 -26.75 9.55
C VAL A 109 -9.79 -25.94 10.16
N SER A 110 -9.82 -25.71 11.48
CA SER A 110 -8.79 -24.88 12.11
C SER A 110 -7.43 -25.57 12.18
N CYS A 111 -7.36 -26.86 11.87
CA CYS A 111 -6.07 -27.56 11.86
C CYS A 111 -5.15 -27.02 10.77
N LYS A 112 -5.71 -26.44 9.71
CA LYS A 112 -4.88 -25.93 8.62
C LYS A 112 -4.11 -24.68 9.03
N PHE A 113 -4.67 -23.89 9.94
CA PHE A 113 -4.10 -22.61 10.34
C PHE A 113 -3.49 -22.72 11.73
N ASN A 114 -2.95 -21.60 12.21
CA ASN A 114 -2.19 -21.60 13.46
C ASN A 114 -3.09 -22.00 14.63
N PRO A 115 -2.69 -23.00 15.45
CA PRO A 115 -1.44 -23.75 15.28
C PRO A 115 -1.58 -24.87 14.26
N VAL A 116 -0.65 -24.94 13.31
CA VAL A 116 -0.79 -25.84 12.17
C VAL A 116 -0.59 -27.28 12.63
N ASN A 117 -1.51 -28.16 12.23
CA ASN A 117 -1.39 -29.56 12.55
C ASN A 117 -0.12 -30.14 11.92
N PRO A 118 0.66 -30.93 12.66
CA PRO A 118 1.89 -31.49 12.07
C PRO A 118 1.65 -32.30 10.80
N GLY A 119 0.55 -33.05 10.73
CA GLY A 119 0.25 -33.78 9.52
C GLY A 119 0.03 -32.86 8.33
N TYR A 120 -0.69 -31.75 8.55
CA TYR A 120 -0.89 -30.79 7.48
C TYR A 120 0.43 -30.14 7.06
N ALA A 121 1.30 -29.87 8.04
CA ALA A 121 2.60 -29.27 7.70
C ALA A 121 3.45 -30.24 6.88
N ALA A 122 3.44 -31.53 7.23
CA ALA A 122 4.18 -32.51 6.45
C ALA A 122 3.60 -32.63 5.04
N CYS A 123 2.27 -32.62 4.93
CA CYS A 123 1.65 -32.64 3.61
C CYS A 123 2.04 -31.41 2.80
N VAL A 124 2.12 -30.24 3.45
CA VAL A 124 2.50 -29.02 2.76
C VAL A 124 3.95 -29.10 2.30
N GLU A 125 4.81 -29.73 3.07
CA GLU A 125 6.19 -29.92 2.63
C GLU A 125 6.26 -30.84 1.40
N GLU A 126 5.48 -31.93 1.42
CA GLU A 126 5.41 -32.79 0.25
C GLU A 126 4.89 -32.03 -0.97
N ILE A 127 3.87 -31.20 -0.76
CA ILE A 127 3.32 -30.38 -1.82
C ILE A 127 4.36 -29.38 -2.31
N ARG A 128 5.21 -28.88 -1.42
CA ARG A 128 6.27 -27.97 -1.83
C ARG A 128 7.28 -28.66 -2.75
N LYS A 129 7.66 -29.89 -2.42
CA LYS A 129 8.53 -30.64 -3.32
C LYS A 129 7.85 -30.86 -4.66
N ASP A 130 6.57 -31.26 -4.63
CA ASP A 130 5.81 -31.46 -5.86
C ASP A 130 5.76 -30.18 -6.69
N LEU A 131 5.62 -29.04 -6.03
CA LEU A 131 5.50 -27.77 -6.75
C LEU A 131 6.84 -27.29 -7.28
N ILE A 132 7.94 -27.61 -6.60
CA ILE A 132 9.25 -27.37 -7.18
C ILE A 132 9.40 -28.14 -8.49
N VAL A 133 9.07 -29.44 -8.45
CA VAL A 133 9.18 -30.24 -9.66
C VAL A 133 8.23 -29.73 -10.74
N ALA A 134 7.03 -29.31 -10.33
CA ALA A 134 6.05 -28.80 -11.28
C ALA A 134 6.51 -27.52 -11.93
N THR A 135 7.12 -26.61 -11.15
CA THR A 135 7.66 -25.38 -11.71
C THR A 135 8.76 -25.70 -12.72
N VAL A 136 9.66 -26.61 -12.36
CA VAL A 136 10.74 -26.98 -13.27
C VAL A 136 10.17 -27.56 -14.56
N ALA A 137 9.23 -28.49 -14.44
CA ALA A 137 8.69 -29.17 -15.62
C ALA A 137 7.89 -28.21 -16.49
N ALA A 138 7.09 -27.33 -15.87
CA ALA A 138 6.32 -26.36 -16.65
C ALA A 138 7.23 -25.39 -17.38
N SER A 139 8.27 -24.88 -16.70
CA SER A 139 9.21 -24.00 -17.37
C SER A 139 9.92 -24.70 -18.51
N LEU A 140 10.34 -25.95 -18.29
CA LEU A 140 11.01 -26.70 -19.34
C LEU A 140 10.12 -26.90 -20.54
N ILE A 141 8.87 -27.33 -20.31
CA ILE A 141 7.96 -27.61 -21.41
C ILE A 141 7.61 -26.33 -22.16
N GLY A 142 7.36 -25.24 -21.43
CA GLY A 142 7.09 -23.97 -22.10
C GLY A 142 8.24 -23.49 -22.94
N CYS A 143 9.46 -23.59 -22.41
CA CYS A 143 10.64 -23.18 -23.16
C CYS A 143 10.82 -24.05 -24.41
N VAL A 144 10.62 -25.36 -24.28
CA VAL A 144 10.78 -26.24 -25.42
C VAL A 144 9.74 -25.94 -26.49
N ILE A 145 8.48 -25.72 -26.09
CA ILE A 145 7.43 -25.41 -27.05
C ILE A 145 7.72 -24.09 -27.75
N MET A 146 8.15 -23.07 -27.00
CA MET A 146 8.46 -21.79 -27.62
C MET A 146 9.64 -21.87 -28.55
N GLY A 147 10.68 -22.61 -28.17
CA GLY A 147 11.85 -22.74 -29.03
C GLY A 147 11.57 -23.52 -30.29
N LEU A 148 10.75 -24.56 -30.20
CA LEU A 148 10.52 -25.42 -31.36
C LEU A 148 9.44 -24.87 -32.28
N MET A 149 8.26 -24.58 -31.73
CA MET A 149 7.15 -24.20 -32.59
C MET A 149 7.14 -22.72 -32.95
N ALA A 150 7.64 -21.86 -32.06
CA ALA A 150 7.69 -20.43 -32.35
C ALA A 150 9.06 -19.97 -32.80
N ASN A 151 10.13 -20.65 -32.39
CA ASN A 151 11.50 -20.32 -32.76
C ASN A 151 11.85 -18.89 -32.33
N LEU A 152 11.70 -18.62 -31.05
CA LEU A 152 12.03 -17.33 -30.48
C LEU A 152 12.86 -17.51 -29.22
N PRO A 153 13.78 -16.57 -28.93
CA PRO A 153 14.64 -16.66 -27.75
C PRO A 153 13.94 -16.25 -26.45
N LEU A 154 12.76 -16.83 -26.23
CA LEU A 154 11.92 -16.48 -25.09
C LEU A 154 11.82 -17.67 -24.14
N ALA A 155 11.95 -17.38 -22.84
CA ALA A 155 11.87 -18.39 -21.80
C ALA A 155 10.55 -18.24 -21.05
N LEU A 156 9.89 -19.36 -20.78
CA LEU A 156 8.58 -19.38 -20.14
C LEU A 156 8.70 -20.01 -18.75
N ALA A 157 8.00 -19.43 -17.79
CA ALA A 157 7.98 -19.94 -16.43
C ALA A 157 6.78 -19.34 -15.71
N PRO A 158 6.35 -19.94 -14.60
CA PRO A 158 5.18 -19.41 -13.89
C PRO A 158 5.36 -17.95 -13.50
N GLY A 159 4.45 -17.11 -13.99
CA GLY A 159 4.56 -15.69 -13.78
C GLY A 159 4.33 -15.29 -12.33
N MET A 160 5.01 -14.21 -11.93
CA MET A 160 5.03 -13.79 -10.54
C MET A 160 3.68 -13.26 -10.08
N GLY A 161 3.07 -12.38 -10.89
CA GLY A 161 1.77 -11.83 -10.51
C GLY A 161 0.72 -12.90 -10.39
N THR A 162 0.68 -13.80 -11.35
CA THR A 162 -0.28 -14.90 -11.30
C THR A 162 0.07 -15.79 -10.11
N ASN A 163 1.36 -15.96 -9.83
CA ASN A 163 1.78 -16.78 -8.70
C ASN A 163 1.14 -16.28 -7.41
N ALA A 164 1.35 -15.00 -7.11
CA ALA A 164 0.82 -14.44 -5.87
C ALA A 164 -0.70 -14.44 -5.86
N TYR A 165 -1.32 -14.08 -6.99
CA TYR A 165 -2.77 -14.04 -7.05
C TYR A 165 -3.38 -15.43 -6.86
N PHE A 166 -2.78 -16.44 -7.48
CA PHE A 166 -3.24 -17.81 -7.32
C PHE A 166 -3.10 -18.27 -5.88
N ALA A 167 -1.96 -17.99 -5.25
CA ALA A 167 -1.69 -18.58 -3.95
C ALA A 167 -2.47 -17.87 -2.84
N TYR A 168 -2.38 -16.54 -2.77
CA TYR A 168 -2.89 -15.82 -1.61
C TYR A 168 -4.27 -15.22 -1.79
N THR A 169 -4.81 -15.21 -3.00
CA THR A 169 -6.14 -14.65 -3.24
C THR A 169 -7.14 -15.70 -3.70
N VAL A 170 -6.83 -16.43 -4.78
CA VAL A 170 -7.77 -17.40 -5.31
C VAL A 170 -7.97 -18.55 -4.34
N VAL A 171 -6.88 -19.12 -3.85
CA VAL A 171 -6.92 -20.24 -2.93
C VAL A 171 -6.75 -19.77 -1.48
N GLY A 172 -5.98 -18.73 -1.27
CA GLY A 172 -5.71 -18.23 0.06
C GLY A 172 -4.60 -19.01 0.74
N PHE A 173 -4.18 -18.50 1.89
CA PHE A 173 -3.16 -19.18 2.67
C PHE A 173 -3.72 -20.47 3.26
N HIS A 174 -3.10 -21.59 2.92
CA HIS A 174 -3.54 -22.91 3.38
C HIS A 174 -5.00 -23.15 3.02
N GLY A 175 -5.39 -22.75 1.82
CA GLY A 175 -6.73 -22.99 1.34
C GLY A 175 -7.82 -22.27 2.11
N SER A 176 -7.55 -21.03 2.52
CA SER A 176 -8.54 -20.23 3.23
C SER A 176 -9.37 -19.36 2.30
N GLY A 177 -9.13 -19.41 1.00
CA GLY A 177 -9.87 -18.61 0.05
C GLY A 177 -11.19 -19.26 -0.34
N SER A 178 -11.87 -18.63 -1.28
CA SER A 178 -13.18 -19.08 -1.73
C SER A 178 -13.11 -20.15 -2.79
N ILE A 179 -11.94 -20.42 -3.35
CA ILE A 179 -11.77 -21.43 -4.40
C ILE A 179 -10.70 -22.40 -3.95
N SER A 180 -10.98 -23.69 -4.08
CA SER A 180 -10.01 -24.71 -3.69
C SER A 180 -8.85 -24.74 -4.68
N TYR A 181 -7.76 -25.40 -4.26
CA TYR A 181 -6.58 -25.49 -5.11
C TYR A 181 -6.87 -26.24 -6.40
N ARG A 182 -7.63 -27.33 -6.31
CA ARG A 182 -7.99 -28.08 -7.51
C ARG A 182 -8.90 -27.27 -8.42
N THR A 183 -9.87 -26.56 -7.84
CA THR A 183 -10.75 -25.71 -8.65
C THR A 183 -9.98 -24.56 -9.27
N ALA A 184 -8.99 -24.03 -8.56
CA ALA A 184 -8.15 -22.99 -9.14
C ALA A 184 -7.28 -23.54 -10.26
N LEU A 185 -6.82 -24.79 -10.13
CA LEU A 185 -6.10 -25.43 -11.22
C LEU A 185 -6.99 -25.59 -12.45
N ALA A 186 -8.26 -25.97 -12.23
CA ALA A 186 -9.21 -26.05 -13.33
C ALA A 186 -9.43 -24.68 -13.96
N ALA A 187 -9.49 -23.63 -13.12
CA ALA A 187 -9.62 -22.27 -13.65
C ALA A 187 -8.43 -21.91 -14.52
N VAL A 188 -7.22 -22.25 -14.09
CA VAL A 188 -6.03 -21.96 -14.89
C VAL A 188 -6.06 -22.76 -16.19
N PHE A 189 -6.52 -24.01 -16.13
CA PHE A 189 -6.58 -24.85 -17.32
C PHE A 189 -7.56 -24.29 -18.35
N ILE A 190 -8.76 -23.92 -17.89
CA ILE A 190 -9.77 -23.36 -18.79
C ILE A 190 -9.32 -21.98 -19.30
N GLU A 191 -8.63 -21.22 -18.45
CA GLU A 191 -8.05 -19.96 -18.88
C GLU A 191 -7.04 -20.15 -20.00
N GLY A 192 -6.16 -21.14 -19.86
CA GLY A 192 -5.22 -21.44 -20.93
C GLY A 192 -5.91 -21.87 -22.20
N LEU A 193 -6.96 -22.69 -22.07
CA LEU A 193 -7.71 -23.11 -23.26
C LEU A 193 -8.36 -21.92 -23.96
N ILE A 194 -8.97 -21.02 -23.18
CA ILE A 194 -9.61 -19.85 -23.77
C ILE A 194 -8.58 -18.93 -24.41
N PHE A 195 -7.41 -18.76 -23.77
CA PHE A 195 -6.36 -17.94 -24.34
C PHE A 195 -5.86 -18.53 -25.65
N LEU A 196 -5.69 -19.86 -25.69
CA LEU A 196 -5.28 -20.51 -26.94
C LEU A 196 -6.34 -20.33 -28.02
N PHE A 197 -7.62 -20.46 -27.65
CA PHE A 197 -8.69 -20.30 -28.62
C PHE A 197 -8.72 -18.90 -29.20
N ILE A 198 -8.60 -17.88 -28.35
CA ILE A 198 -8.70 -16.50 -28.85
C ILE A 198 -7.43 -16.11 -29.58
N SER A 199 -6.29 -16.70 -29.23
CA SER A 199 -5.06 -16.44 -29.97
C SER A 199 -5.11 -17.10 -31.34
N ALA A 200 -5.73 -18.27 -31.45
CA ALA A 200 -5.80 -19.00 -32.70
C ALA A 200 -6.68 -18.31 -33.74
N ILE A 201 -7.50 -17.34 -33.34
CA ILE A 201 -8.38 -16.63 -34.26
C ILE A 201 -7.98 -15.18 -34.46
N GLY A 202 -7.35 -14.56 -33.47
CA GLY A 202 -6.97 -13.17 -33.58
C GLY A 202 -7.80 -12.21 -32.77
N PHE A 203 -8.61 -12.70 -31.85
CA PHE A 203 -9.37 -11.84 -30.95
C PHE A 203 -8.56 -11.40 -29.74
N ARG A 204 -7.33 -11.90 -29.61
CA ARG A 204 -6.51 -11.54 -28.46
C ARG A 204 -6.23 -10.05 -28.40
N ALA A 205 -5.92 -9.44 -29.56
CA ALA A 205 -5.67 -7.99 -29.59
C ALA A 205 -6.92 -7.21 -29.20
N LYS A 206 -8.09 -7.67 -29.64
CA LYS A 206 -9.33 -6.98 -29.30
C LYS A 206 -9.62 -7.08 -27.81
N LEU A 207 -9.46 -8.27 -27.22
CA LEU A 207 -9.67 -8.39 -25.78
C LEU A 207 -8.61 -7.62 -25.00
N ALA A 208 -7.42 -7.46 -25.57
CA ALA A 208 -6.40 -6.66 -24.91
C ALA A 208 -6.75 -5.17 -24.93
N LYS A 209 -7.25 -4.68 -26.07
CA LYS A 209 -7.68 -3.29 -26.15
C LYS A 209 -8.98 -3.04 -25.41
N LEU A 210 -9.70 -4.08 -25.02
CA LEU A 210 -10.91 -3.89 -24.23
C LEU A 210 -10.60 -3.25 -22.88
N VAL A 211 -9.48 -3.61 -22.27
CA VAL A 211 -9.10 -3.05 -20.97
C VAL A 211 -8.69 -1.59 -21.15
N PRO A 212 -9.16 -0.67 -20.30
CA PRO A 212 -8.77 0.73 -20.44
C PRO A 212 -7.27 0.93 -20.26
N LYS A 213 -6.75 1.93 -20.96
CA LYS A 213 -5.30 2.18 -20.96
C LYS A 213 -4.75 2.49 -19.57
N PRO A 214 -5.31 3.41 -18.78
CA PRO A 214 -4.74 3.65 -17.45
C PRO A 214 -4.78 2.42 -16.55
N VAL A 215 -5.88 1.67 -16.60
CA VAL A 215 -5.99 0.45 -15.80
C VAL A 215 -4.95 -0.57 -16.26
N ARG A 216 -4.79 -0.73 -17.57
CA ARG A 216 -3.84 -1.68 -18.10
C ARG A 216 -2.41 -1.31 -17.71
N ILE A 217 -2.07 -0.02 -17.75
CA ILE A 217 -0.72 0.40 -17.40
C ILE A 217 -0.48 0.26 -15.91
N SER A 218 -1.44 0.67 -15.09
CA SER A 218 -1.25 0.66 -13.64
C SER A 218 -1.46 -0.71 -13.02
N SER A 219 -1.96 -1.69 -13.76
CA SER A 219 -2.08 -3.04 -13.23
C SER A 219 -0.72 -3.62 -12.90
N SER A 220 0.29 -3.33 -13.73
CA SER A 220 1.63 -3.82 -13.45
C SER A 220 2.18 -3.23 -12.16
N ALA A 221 1.98 -1.92 -11.95
CA ALA A 221 2.43 -1.29 -10.72
C ALA A 221 1.66 -1.80 -9.52
N GLY A 222 0.36 -2.05 -9.68
CA GLY A 222 -0.42 -2.62 -8.59
C GLY A 222 0.04 -4.01 -8.22
N ILE A 223 0.35 -4.84 -9.23
CA ILE A 223 0.87 -6.17 -8.96
C ILE A 223 2.24 -6.09 -8.29
N GLY A 224 3.07 -5.12 -8.70
CA GLY A 224 4.34 -4.93 -8.04
C GLY A 224 4.20 -4.52 -6.58
N LEU A 225 3.26 -3.62 -6.30
CA LEU A 225 3.00 -3.25 -4.91
C LEU A 225 2.48 -4.43 -4.11
N PHE A 226 1.62 -5.24 -4.73
CA PHE A 226 1.11 -6.45 -4.07
C PHE A 226 2.24 -7.41 -3.74
N LEU A 227 3.16 -7.62 -4.69
CA LEU A 227 4.28 -8.52 -4.47
C LEU A 227 5.22 -7.98 -3.40
N ALA A 228 5.47 -6.68 -3.39
CA ALA A 228 6.31 -6.10 -2.34
C ALA A 228 5.66 -6.22 -0.97
N PHE A 229 4.34 -5.99 -0.90
CA PHE A 229 3.63 -6.19 0.35
C PHE A 229 3.73 -7.63 0.83
N ILE A 230 3.61 -8.57 -0.10
CA ILE A 230 3.80 -9.99 0.26
C ILE A 230 5.20 -10.21 0.81
N GLY A 231 6.21 -9.64 0.13
CA GLY A 231 7.58 -9.74 0.61
C GLY A 231 7.82 -9.05 1.94
N LEU A 232 6.89 -8.19 2.35
CA LEU A 232 6.98 -7.52 3.65
C LEU A 232 6.09 -8.14 4.72
N GLN A 233 5.65 -9.37 4.53
CA GLN A 233 4.88 -10.07 5.55
C GLN A 233 5.76 -11.13 6.22
N ASN A 234 5.16 -11.91 7.13
CA ASN A 234 5.93 -12.86 7.93
C ASN A 234 5.99 -14.24 7.29
N ASN A 235 4.84 -14.87 7.07
CA ASN A 235 4.82 -16.18 6.43
C ASN A 235 5.23 -16.10 4.97
N GLN A 236 5.36 -14.90 4.43
CA GLN A 236 5.56 -14.66 3.01
C GLN A 236 6.91 -14.06 2.68
N GLY A 237 7.42 -13.17 3.53
CA GLY A 237 8.68 -12.49 3.26
C GLY A 237 9.52 -12.24 4.49
N ILE A 238 10.04 -11.03 4.63
CA ILE A 238 10.99 -10.71 5.69
C ILE A 238 10.35 -10.19 6.96
N GLY A 239 9.05 -9.89 6.93
CA GLY A 239 8.42 -9.22 8.05
C GLY A 239 8.38 -7.72 7.82
N LEU A 240 8.54 -6.93 8.88
CA LEU A 240 8.54 -5.47 8.92
C LEU A 240 7.13 -4.90 8.78
N VAL A 241 6.12 -5.70 8.46
CA VAL A 241 4.74 -5.25 8.44
C VAL A 241 3.94 -6.25 9.25
N GLY A 242 3.37 -5.80 10.37
CA GLY A 242 2.64 -6.66 11.26
C GLY A 242 1.28 -6.06 11.59
N TYR A 243 0.47 -6.87 12.26
CA TYR A 243 -0.87 -6.45 12.62
C TYR A 243 -0.82 -5.30 13.61
N SER A 244 -1.81 -4.41 13.51
CA SER A 244 -1.98 -3.35 14.49
C SER A 244 -3.43 -3.28 14.93
N PRO A 245 -3.72 -3.24 16.22
CA PRO A 245 -5.11 -3.16 16.67
C PRO A 245 -5.83 -1.92 16.20
N SER A 246 -5.14 -0.80 16.08
CA SER A 246 -5.76 0.47 15.72
C SER A 246 -5.58 0.81 14.25
N THR A 247 -4.34 0.78 13.77
CA THR A 247 -4.03 1.13 12.40
C THR A 247 -4.09 -0.06 11.45
N LEU A 248 -4.23 -1.26 12.01
CA LEU A 248 -4.31 -2.55 11.33
C LEU A 248 -2.96 -3.00 10.78
N VAL A 249 -2.02 -2.08 10.62
CA VAL A 249 -0.70 -2.41 10.10
C VAL A 249 0.32 -1.47 10.73
N THR A 250 1.40 -2.05 11.26
CA THR A 250 2.48 -1.28 11.86
C THR A 250 3.80 -1.99 11.59
N LEU A 251 4.85 -1.52 12.26
CA LEU A 251 6.20 -2.04 12.07
C LEU A 251 6.35 -3.37 12.79
N ALA A 252 6.57 -4.42 12.01
CA ALA A 252 6.90 -5.76 12.47
C ALA A 252 8.41 -5.90 12.55
N ALA A 253 8.91 -7.13 12.39
CA ALA A 253 10.31 -7.52 12.46
C ALA A 253 10.78 -7.60 13.91
N CYS A 254 9.86 -7.96 14.79
CA CYS A 254 10.22 -8.45 16.10
C CYS A 254 10.54 -9.94 16.02
N PRO A 255 11.29 -10.48 16.97
CA PRO A 255 11.62 -11.91 16.93
C PRO A 255 10.37 -12.76 17.01
N ALA A 256 10.46 -13.95 16.42
CA ALA A 256 9.31 -14.85 16.37
C ALA A 256 8.80 -15.22 17.76
N SER A 257 9.69 -15.19 18.76
CA SER A 257 9.26 -15.46 20.13
C SER A 257 8.37 -14.35 20.68
N SER A 258 8.41 -13.15 20.10
CA SER A 258 7.61 -12.03 20.55
C SER A 258 6.45 -11.72 19.60
N ARG A 259 5.98 -12.72 18.86
CA ARG A 259 4.82 -12.57 17.99
C ARG A 259 3.68 -13.42 18.52
N ILE A 260 2.47 -12.86 18.53
CA ILE A 260 1.31 -13.52 19.10
C ILE A 260 0.17 -13.50 18.09
N SER A 261 -0.79 -14.40 18.31
CA SER A 261 -1.91 -14.57 17.40
C SER A 261 -3.10 -13.71 17.83
N LEU A 262 -4.12 -13.71 16.99
CA LEU A 262 -5.36 -12.99 17.26
C LEU A 262 -6.55 -13.89 16.96
N ALA A 263 -7.63 -13.68 17.72
CA ALA A 263 -8.87 -14.38 17.46
C ALA A 263 -10.02 -13.40 17.62
N PRO A 264 -11.09 -13.57 16.85
CA PRO A 264 -12.25 -12.69 17.00
C PRO A 264 -12.89 -12.82 18.38
N VAL A 265 -13.41 -11.69 18.88
CA VAL A 265 -14.04 -11.63 20.19
C VAL A 265 -15.34 -10.86 20.08
N ILE A 266 -16.12 -10.92 21.16
CA ILE A 266 -17.41 -10.24 21.25
C ILE A 266 -17.31 -9.17 22.34
N THR A 267 -17.55 -7.92 21.96
CA THR A 267 -17.55 -6.82 22.90
C THR A 267 -18.96 -6.53 23.41
N SER A 268 -19.04 -5.74 24.48
CA SER A 268 -20.30 -5.38 25.10
C SER A 268 -20.20 -3.93 25.57
N ALA A 269 -21.13 -3.53 26.43
CA ALA A 269 -21.14 -2.18 26.97
C ALA A 269 -20.35 -2.06 28.28
N ASN A 270 -19.72 -3.14 28.74
CA ASN A 270 -18.87 -3.09 29.92
C ASN A 270 -17.44 -3.51 29.65
N GLY A 271 -17.23 -4.50 28.78
CA GLY A 271 -15.88 -4.94 28.47
C GLY A 271 -15.66 -6.43 28.53
N THR A 272 -16.73 -7.22 28.59
CA THR A 272 -16.62 -8.68 28.70
C THR A 272 -16.24 -9.27 27.34
N VAL A 273 -15.00 -8.99 26.92
CA VAL A 273 -14.48 -9.49 25.65
C VAL A 273 -14.31 -11.00 25.78
N SER A 274 -15.19 -11.74 25.12
CA SER A 274 -15.17 -13.19 25.14
C SER A 274 -14.83 -13.75 23.76
N LEU A 275 -14.12 -14.88 23.76
CA LEU A 275 -13.66 -15.46 22.52
C LEU A 275 -14.82 -15.94 21.67
N LEU A 276 -14.70 -15.76 20.35
CA LEU A 276 -15.72 -16.21 19.41
C LEU A 276 -15.41 -17.63 18.98
N ALA A 277 -16.26 -18.58 19.39
CA ALA A 277 -16.02 -19.98 19.07
C ALA A 277 -16.04 -20.21 17.57
N GLY A 278 -15.07 -20.99 17.09
CA GLY A 278 -14.92 -21.23 15.67
C GLY A 278 -14.20 -20.13 14.92
N GLY A 279 -13.70 -19.11 15.61
CA GLY A 279 -13.03 -18.03 14.92
C GLY A 279 -11.73 -18.48 14.29
N SER A 280 -11.39 -17.85 13.17
CA SER A 280 -10.18 -18.18 12.42
C SER A 280 -9.00 -17.44 13.04
N VAL A 281 -8.20 -18.16 13.84
CA VAL A 281 -7.04 -17.56 14.47
C VAL A 281 -5.98 -17.28 13.43
N SER A 282 -5.34 -16.11 13.55
CA SER A 282 -4.31 -15.69 12.60
C SER A 282 -3.01 -16.44 12.90
N GLY A 283 -1.93 -16.04 12.23
CA GLY A 283 -0.64 -16.62 12.49
C GLY A 283 0.01 -15.97 13.68
N ASP A 284 1.24 -15.49 13.52
CA ASP A 284 1.93 -14.72 14.57
C ASP A 284 2.29 -13.38 13.94
N ILE A 285 1.36 -12.44 14.02
CA ILE A 285 1.46 -11.19 13.27
C ILE A 285 1.53 -9.96 14.17
N MET A 286 1.24 -10.09 15.46
CA MET A 286 1.24 -8.97 16.39
C MET A 286 2.51 -8.99 17.22
N CYS A 287 3.29 -7.93 17.13
CA CYS A 287 4.52 -7.78 17.91
C CYS A 287 4.19 -7.19 19.27
N ILE A 288 4.64 -7.84 20.33
CA ILE A 288 4.46 -7.29 21.67
C ILE A 288 5.65 -6.42 22.07
N HIS A 289 6.86 -6.78 21.68
CA HIS A 289 8.05 -6.02 22.01
C HIS A 289 9.16 -6.44 21.06
N GLY A 290 10.30 -5.78 21.17
CA GLY A 290 11.46 -6.10 20.36
C GLY A 290 11.31 -5.79 18.88
N ARG A 291 10.68 -4.66 18.55
CA ARG A 291 10.53 -4.28 17.15
C ARG A 291 11.88 -4.01 16.51
N MET A 292 12.01 -4.37 15.23
CA MET A 292 13.25 -4.23 14.46
C MET A 292 14.40 -4.98 15.12
N GLU A 293 14.13 -6.16 15.66
CA GLU A 293 15.15 -6.96 16.32
C GLU A 293 15.20 -8.41 15.86
N SER A 294 14.36 -8.81 14.92
CA SER A 294 14.37 -10.19 14.47
C SER A 294 15.57 -10.44 13.57
N PRO A 295 16.42 -11.42 13.88
CA PRO A 295 17.57 -11.69 13.02
C PRO A 295 17.18 -12.12 11.61
N THR A 296 16.05 -12.80 11.43
CA THR A 296 15.64 -13.23 10.09
C THR A 296 15.32 -12.02 9.22
N PHE A 297 14.70 -11.00 9.79
CA PHE A 297 14.42 -9.78 9.03
C PHE A 297 15.72 -9.10 8.60
N TRP A 298 16.72 -9.06 9.48
CA TRP A 298 17.97 -8.42 9.11
C TRP A 298 18.75 -9.23 8.11
N LEU A 299 18.67 -10.57 8.18
CA LEU A 299 19.26 -11.40 7.12
C LEU A 299 18.56 -11.14 5.79
N GLY A 300 17.24 -11.01 5.81
CA GLY A 300 16.52 -10.61 4.61
C GLY A 300 16.96 -9.25 4.09
N ILE A 301 17.22 -8.32 5.00
CA ILE A 301 17.67 -6.99 4.58
C ILE A 301 19.05 -7.07 3.94
N VAL A 302 19.93 -7.92 4.49
CA VAL A 302 21.24 -8.10 3.88
C VAL A 302 21.10 -8.70 2.48
N GLY A 303 20.22 -9.70 2.33
CA GLY A 303 19.97 -10.24 1.00
C GLY A 303 19.38 -9.21 0.06
N PHE A 304 18.52 -8.34 0.57
CA PHE A 304 17.95 -7.25 -0.21
C PHE A 304 19.05 -6.31 -0.70
N VAL A 305 19.99 -5.98 0.18
CA VAL A 305 21.10 -5.11 -0.20
C VAL A 305 21.96 -5.79 -1.26
N ILE A 306 22.19 -7.10 -1.11
CA ILE A 306 22.99 -7.83 -2.09
C ILE A 306 22.33 -7.80 -3.46
N ILE A 307 21.03 -8.12 -3.51
CA ILE A 307 20.32 -8.12 -4.80
C ILE A 307 20.26 -6.72 -5.38
N ALA A 308 20.06 -5.71 -4.53
CA ALA A 308 19.99 -4.34 -5.02
C ALA A 308 21.30 -3.89 -5.62
N TYR A 309 22.43 -4.20 -4.97
CA TYR A 309 23.72 -3.86 -5.53
C TYR A 309 24.01 -4.63 -6.82
N CYS A 310 23.63 -5.90 -6.86
CA CYS A 310 23.86 -6.67 -8.09
C CYS A 310 22.99 -6.17 -9.23
N LEU A 311 21.79 -5.66 -8.92
CA LEU A 311 20.96 -5.03 -9.94
C LEU A 311 21.55 -3.71 -10.39
N VAL A 312 22.10 -2.94 -9.46
CA VAL A 312 22.72 -1.66 -9.82
C VAL A 312 23.93 -1.89 -10.72
N LYS A 313 24.74 -2.88 -10.40
CA LYS A 313 25.95 -3.19 -11.15
C LYS A 313 25.67 -4.00 -12.41
N ASN A 314 24.41 -4.17 -12.78
CA ASN A 314 24.03 -4.93 -13.98
C ASN A 314 24.57 -6.35 -13.94
N VAL A 315 24.51 -6.98 -12.78
CA VAL A 315 25.01 -8.33 -12.59
C VAL A 315 23.86 -9.30 -12.83
N LYS A 316 24.03 -10.20 -13.81
CA LYS A 316 23.02 -11.19 -14.11
C LYS A 316 22.91 -12.21 -12.98
N GLY A 317 21.68 -12.52 -12.60
CA GLY A 317 21.47 -13.43 -11.48
C GLY A 317 21.54 -12.75 -10.13
N ALA A 318 21.08 -11.50 -10.05
CA ALA A 318 21.10 -10.78 -8.78
C ALA A 318 20.26 -11.50 -7.72
N MET A 319 19.02 -11.83 -8.08
CA MET A 319 18.14 -12.51 -7.13
C MET A 319 18.65 -13.89 -6.78
N ILE A 320 19.28 -14.57 -7.75
CA ILE A 320 19.94 -15.83 -7.45
C ILE A 320 20.95 -15.65 -6.33
N TYR A 321 21.80 -14.63 -6.44
CA TYR A 321 22.85 -14.45 -5.46
C TYR A 321 22.29 -14.08 -4.09
N GLY A 322 21.28 -13.20 -4.06
CA GLY A 322 20.68 -12.86 -2.78
C GLY A 322 19.98 -14.02 -2.12
N ILE A 323 19.18 -14.77 -2.89
CA ILE A 323 18.49 -15.93 -2.35
C ILE A 323 19.49 -16.97 -1.86
N VAL A 324 20.54 -17.21 -2.65
CA VAL A 324 21.53 -18.22 -2.28
C VAL A 324 22.26 -17.80 -1.00
N PHE A 325 22.61 -16.52 -0.88
CA PHE A 325 23.29 -16.06 0.32
C PHE A 325 22.41 -16.24 1.55
N VAL A 326 21.16 -15.76 1.48
CA VAL A 326 20.27 -15.84 2.64
C VAL A 326 19.99 -17.30 2.99
N THR A 327 19.75 -18.13 1.98
CA THR A 327 19.47 -19.55 2.22
C THR A 327 20.67 -20.27 2.81
N ALA A 328 21.88 -19.97 2.31
CA ALA A 328 23.07 -20.62 2.84
C ALA A 328 23.31 -20.21 4.29
N VAL A 329 23.06 -18.94 4.62
CA VAL A 329 23.16 -18.54 6.02
C VAL A 329 22.11 -19.24 6.85
N SER A 330 20.92 -19.46 6.29
CA SER A 330 19.83 -20.12 6.99
C SER A 330 19.99 -21.64 7.06
N TRP A 331 20.94 -22.21 6.34
CA TRP A 331 21.12 -23.66 6.32
C TRP A 331 21.86 -24.17 7.55
N PHE A 332 22.52 -23.29 8.30
CA PHE A 332 23.14 -23.72 9.55
C PHE A 332 22.07 -24.03 10.58
N ARG A 333 22.32 -25.08 11.35
CA ARG A 333 21.25 -25.77 12.06
C ARG A 333 20.82 -25.08 13.35
N ASN A 334 21.74 -24.51 14.12
CA ASN A 334 21.44 -24.04 15.47
C ASN A 334 21.55 -22.53 15.61
N THR A 335 21.07 -21.78 14.63
CA THR A 335 21.04 -20.33 14.70
C THR A 335 19.60 -19.83 14.80
N GLU A 336 19.47 -18.52 14.98
CA GLU A 336 18.14 -17.90 15.03
C GLU A 336 17.57 -17.64 13.65
N VAL A 337 18.39 -17.72 12.60
CA VAL A 337 17.94 -17.55 11.23
C VAL A 337 17.87 -18.89 10.50
N THR A 338 17.83 -19.99 11.24
CA THR A 338 17.91 -21.30 10.62
C THR A 338 16.65 -21.63 9.84
N ALA A 339 16.81 -22.37 8.76
CA ALA A 339 15.69 -22.91 7.99
C ALA A 339 15.25 -24.27 8.49
N PHE A 340 15.98 -24.86 9.43
CA PHE A 340 15.66 -26.17 10.00
C PHE A 340 15.63 -26.02 11.51
N PRO A 341 14.51 -25.57 12.07
CA PRO A 341 14.41 -25.43 13.53
C PRO A 341 14.48 -26.79 14.22
N ASN A 342 14.86 -26.76 15.49
CA ASN A 342 15.04 -27.99 16.24
C ASN A 342 13.68 -28.60 16.61
N THR A 343 12.91 -28.98 15.60
CA THR A 343 11.60 -29.61 15.78
C THR A 343 11.54 -30.84 14.88
N SER A 344 10.43 -31.56 14.96
CA SER A 344 10.24 -32.72 14.08
C SER A 344 10.17 -32.28 12.62
N ALA A 345 9.42 -31.21 12.35
CA ALA A 345 9.34 -30.69 10.99
C ALA A 345 10.71 -30.19 10.52
N GLY A 346 11.42 -29.48 11.39
CA GLY A 346 12.76 -29.03 11.03
C GLY A 346 13.73 -30.18 10.82
N ASP A 347 13.62 -31.22 11.66
CA ASP A 347 14.47 -32.39 11.48
C ASP A 347 14.18 -33.07 10.14
N ALA A 348 12.91 -33.20 9.78
CA ALA A 348 12.57 -33.82 8.50
C ALA A 348 13.06 -32.96 7.34
N ALA A 349 12.91 -31.63 7.45
CA ALA A 349 13.38 -30.74 6.39
C ALA A 349 14.90 -30.84 6.23
N HIS A 350 15.64 -30.89 7.33
CA HIS A 350 17.08 -31.03 7.25
C HIS A 350 17.48 -32.40 6.70
N ASP A 351 16.73 -33.44 7.06
CA ASP A 351 17.01 -34.77 6.54
C ASP A 351 16.84 -34.81 5.03
N TYR A 352 15.77 -34.19 4.52
CA TYR A 352 15.60 -34.10 3.08
C TYR A 352 16.67 -33.23 2.44
N PHE A 353 17.07 -32.16 3.11
CA PHE A 353 18.11 -31.28 2.60
C PHE A 353 19.47 -31.96 2.54
N LYS A 354 19.71 -32.95 3.40
CA LYS A 354 21.01 -33.60 3.45
C LYS A 354 21.35 -34.26 2.12
N LYS A 355 20.40 -34.97 1.52
CA LYS A 355 20.61 -35.54 0.19
C LYS A 355 20.56 -34.40 -0.81
N ILE A 356 21.73 -34.04 -1.35
CA ILE A 356 21.82 -32.86 -2.20
C ILE A 356 20.97 -33.05 -3.46
N VAL A 357 20.93 -34.27 -3.99
CA VAL A 357 20.24 -34.56 -5.24
C VAL A 357 19.13 -35.56 -4.97
N ASP A 358 17.97 -35.33 -5.60
CA ASP A 358 16.84 -36.24 -5.50
C ASP A 358 15.98 -36.07 -6.74
N VAL A 359 15.54 -37.20 -7.30
CA VAL A 359 14.63 -37.20 -8.44
C VAL A 359 13.23 -37.33 -7.86
N HIS A 360 12.62 -36.20 -7.53
CA HIS A 360 11.28 -36.20 -6.95
C HIS A 360 10.23 -36.35 -8.04
N VAL A 361 9.22 -37.17 -7.76
CA VAL A 361 8.13 -37.44 -8.68
C VAL A 361 6.86 -36.81 -8.11
N ILE A 362 6.18 -36.02 -8.94
CA ILE A 362 4.97 -35.35 -8.48
C ILE A 362 3.90 -36.41 -8.19
N LYS A 363 3.36 -36.37 -6.98
CA LYS A 363 2.40 -37.36 -6.51
C LYS A 363 1.02 -36.78 -6.27
N HIS A 364 0.94 -35.59 -5.67
CA HIS A 364 -0.34 -34.99 -5.29
C HIS A 364 -0.77 -33.88 -6.22
N THR A 365 0.15 -33.23 -6.92
CA THR A 365 -0.14 -32.00 -7.64
C THR A 365 -0.44 -32.22 -9.12
N ALA A 366 0.22 -33.17 -9.76
CA ALA A 366 0.00 -33.40 -11.19
C ALA A 366 -1.35 -34.04 -11.44
N GLY A 367 -2.08 -33.51 -12.41
CA GLY A 367 -3.40 -34.03 -12.73
C GLY A 367 -4.41 -33.88 -11.60
N ALA A 368 -4.31 -32.77 -10.85
CA ALA A 368 -5.19 -32.51 -9.72
C ALA A 368 -6.29 -31.52 -10.06
N LEU A 369 -6.76 -31.55 -11.31
CA LEU A 369 -7.84 -30.65 -11.72
C LEU A 369 -9.16 -31.10 -11.14
N SER A 370 -10.06 -30.14 -10.92
CA SER A 370 -11.41 -30.43 -10.45
C SER A 370 -12.35 -29.37 -10.98
N PHE A 371 -13.29 -29.78 -11.83
CA PHE A 371 -14.24 -28.88 -12.46
C PHE A 371 -15.54 -28.76 -11.67
N SER A 372 -15.50 -29.02 -10.37
CA SER A 372 -16.71 -28.99 -9.56
C SER A 372 -17.19 -27.57 -9.28
N GLY A 373 -16.27 -26.60 -9.22
CA GLY A 373 -16.62 -25.25 -8.84
C GLY A 373 -16.89 -24.29 -9.98
N ILE A 374 -17.16 -24.81 -11.18
CA ILE A 374 -17.38 -23.95 -12.33
C ILE A 374 -18.57 -23.01 -12.11
N ASN A 375 -19.64 -23.54 -11.52
CA ASN A 375 -20.85 -22.74 -11.34
C ASN A 375 -20.69 -21.60 -10.36
N LYS A 376 -19.60 -21.57 -9.60
CA LYS A 376 -19.41 -20.53 -8.60
C LYS A 376 -18.88 -19.25 -9.24
N GLY A 377 -19.30 -18.11 -8.69
CA GLY A 377 -18.85 -16.83 -9.21
C GLY A 377 -17.37 -16.57 -8.99
N HIS A 378 -16.84 -17.03 -7.86
CA HIS A 378 -15.43 -16.80 -7.55
C HIS A 378 -14.53 -17.52 -8.54
N PHE A 379 -14.95 -18.71 -8.99
CA PHE A 379 -14.19 -19.43 -10.01
C PHE A 379 -14.05 -18.59 -11.27
N TRP A 380 -15.14 -17.98 -11.72
CA TRP A 380 -15.10 -17.20 -12.95
C TRP A 380 -14.38 -15.88 -12.75
N GLU A 381 -14.46 -15.30 -11.55
CA GLU A 381 -13.66 -14.12 -11.25
C GLU A 381 -12.17 -14.44 -11.36
N ALA A 382 -11.75 -15.56 -10.76
CA ALA A 382 -10.36 -15.97 -10.85
C ALA A 382 -9.95 -16.28 -12.29
N LEU A 383 -10.83 -16.95 -13.04
CA LEU A 383 -10.54 -17.28 -14.41
C LEU A 383 -10.37 -16.04 -15.27
N VAL A 384 -11.26 -15.07 -15.12
CA VAL A 384 -11.19 -13.84 -15.91
C VAL A 384 -9.97 -13.03 -15.52
N THR A 385 -9.64 -12.99 -14.23
CA THR A 385 -8.44 -12.26 -13.81
C THR A 385 -7.19 -12.91 -14.36
N PHE A 386 -7.12 -14.25 -14.32
CA PHE A 386 -6.00 -14.95 -14.92
C PHE A 386 -5.90 -14.64 -16.41
N LEU A 387 -7.04 -14.67 -17.11
CA LEU A 387 -7.04 -14.46 -18.55
C LEU A 387 -6.56 -13.05 -18.89
N TYR A 388 -7.09 -12.04 -18.21
CA TYR A 388 -6.69 -10.67 -18.51
C TYR A 388 -5.24 -10.42 -18.12
N VAL A 389 -4.79 -10.92 -16.97
CA VAL A 389 -3.39 -10.72 -16.58
C VAL A 389 -2.47 -11.37 -17.60
N ASP A 390 -2.78 -12.60 -18.00
CA ASP A 390 -1.94 -13.28 -18.99
C ASP A 390 -1.95 -12.56 -20.33
N ILE A 391 -3.13 -12.12 -20.78
CA ILE A 391 -3.22 -11.45 -22.07
C ILE A 391 -2.39 -10.16 -22.06
N LEU A 392 -2.60 -9.32 -21.04
CA LEU A 392 -1.88 -8.06 -20.99
C LEU A 392 -0.39 -8.26 -20.83
N ASP A 393 0.00 -9.17 -19.92
CA ASP A 393 1.41 -9.42 -19.67
C ASP A 393 2.09 -9.93 -20.93
N THR A 394 1.50 -10.93 -21.59
CA THR A 394 2.13 -11.51 -22.76
C THR A 394 2.15 -10.52 -23.92
N THR A 395 1.08 -9.76 -24.10
CA THR A 395 1.03 -8.78 -25.18
C THR A 395 2.10 -7.72 -25.00
N GLY A 396 2.25 -7.20 -23.78
CA GLY A 396 3.31 -6.24 -23.54
C GLY A 396 4.69 -6.85 -23.71
N THR A 397 4.91 -8.02 -23.11
CA THR A 397 6.23 -8.61 -23.05
C THR A 397 6.73 -9.03 -24.44
N LEU A 398 5.88 -9.70 -25.23
CA LEU A 398 6.32 -10.19 -26.52
C LEU A 398 6.70 -9.05 -27.45
N TYR A 399 5.90 -7.99 -27.47
CA TYR A 399 6.22 -6.87 -28.35
C TYR A 399 7.41 -6.07 -27.85
N SER A 400 7.58 -5.97 -26.52
CA SER A 400 8.79 -5.37 -25.99
C SER A 400 10.02 -6.17 -26.40
N MET A 401 9.92 -7.50 -26.36
CA MET A 401 11.02 -8.36 -26.79
C MET A 401 11.32 -8.14 -28.26
N ALA A 402 10.28 -8.12 -29.10
CA ALA A 402 10.48 -7.98 -30.52
C ALA A 402 11.11 -6.64 -30.86
N ARG A 403 10.76 -5.59 -30.13
CA ARG A 403 11.45 -4.32 -30.29
C ARG A 403 12.88 -4.41 -29.80
N PHE A 404 13.13 -5.18 -28.74
CA PHE A 404 14.50 -5.41 -28.28
C PHE A 404 15.31 -6.16 -29.34
N ALA A 405 14.74 -7.22 -29.91
CA ALA A 405 15.43 -8.03 -30.90
C ALA A 405 15.31 -7.48 -32.31
N GLY A 406 14.59 -6.39 -32.50
CA GLY A 406 14.43 -5.80 -33.82
C GLY A 406 13.70 -6.70 -34.80
N PHE A 407 12.77 -7.52 -34.30
CA PHE A 407 11.96 -8.37 -35.16
C PHE A 407 10.69 -7.67 -35.64
N VAL A 408 10.40 -6.47 -35.15
CA VAL A 408 9.19 -5.75 -35.52
C VAL A 408 9.40 -5.11 -36.89
N ASP A 409 8.48 -5.35 -37.80
CA ASP A 409 8.51 -4.72 -39.12
C ASP A 409 7.68 -3.44 -39.07
N GLU A 410 7.42 -2.84 -40.23
CA GLU A 410 6.59 -1.64 -40.28
C GLU A 410 5.17 -1.93 -39.84
N LYS A 411 4.65 -3.11 -40.19
CA LYS A 411 3.29 -3.47 -39.81
C LYS A 411 3.13 -3.67 -38.31
N GLY A 412 4.22 -3.89 -37.58
CA GLY A 412 4.16 -4.11 -36.16
C GLY A 412 4.15 -5.56 -35.71
N ASP A 413 4.43 -6.49 -36.60
CA ASP A 413 4.44 -7.91 -36.31
C ASP A 413 5.86 -8.45 -36.37
N PHE A 414 6.09 -9.58 -35.70
CA PHE A 414 7.41 -10.20 -35.66
C PHE A 414 7.31 -11.68 -36.03
N ALA A 415 6.59 -11.97 -37.11
CA ALA A 415 6.60 -13.28 -37.76
C ALA A 415 6.07 -14.39 -36.86
N GLY A 416 6.83 -14.74 -35.84
CA GLY A 416 6.48 -15.88 -35.01
C GLY A 416 5.58 -15.53 -33.83
N GLN A 417 4.92 -14.36 -33.91
CA GLN A 417 4.06 -13.93 -32.81
C GLN A 417 2.89 -14.88 -32.62
N TYR A 418 2.30 -15.35 -33.72
CA TYR A 418 1.13 -16.22 -33.64
C TYR A 418 1.46 -17.50 -32.88
N PHE A 419 2.54 -18.17 -33.28
CA PHE A 419 2.97 -19.36 -32.57
C PHE A 419 3.54 -19.03 -31.20
N ALA A 420 4.05 -17.80 -31.00
CA ALA A 420 4.50 -17.41 -29.67
C ALA A 420 3.34 -17.39 -28.68
N PHE A 421 2.22 -16.78 -29.09
CA PHE A 421 1.05 -16.72 -28.20
C PHE A 421 0.44 -18.10 -28.02
N MET A 422 0.41 -18.93 -29.07
CA MET A 422 -0.07 -20.30 -28.87
C MET A 422 0.85 -21.06 -27.92
N SER A 423 2.17 -20.84 -28.02
CA SER A 423 3.11 -21.49 -27.11
C SER A 423 2.85 -21.09 -25.67
N ASP A 424 2.62 -19.79 -25.45
CA ASP A 424 2.32 -19.32 -24.10
C ASP A 424 1.05 -19.97 -23.56
N ALA A 425 0.00 -20.01 -24.38
CA ALA A 425 -1.26 -20.59 -23.93
C ALA A 425 -1.13 -22.09 -23.67
N SER A 426 -0.47 -22.81 -24.56
CA SER A 426 -0.27 -24.24 -24.38
C SER A 426 0.56 -24.52 -23.14
N ALA A 427 1.57 -23.70 -22.89
CA ALA A 427 2.37 -23.85 -21.67
C ALA A 427 1.53 -23.57 -20.43
N ILE A 428 0.60 -22.62 -20.52
CA ILE A 428 -0.32 -22.38 -19.41
C ILE A 428 -1.14 -23.64 -19.12
N VAL A 429 -1.66 -24.25 -20.18
CA VAL A 429 -2.47 -25.47 -20.01
C VAL A 429 -1.62 -26.58 -19.41
N ILE A 430 -0.40 -26.76 -19.91
CA ILE A 430 0.47 -27.82 -19.40
C ILE A 430 0.82 -27.58 -17.93
N GLY A 431 1.11 -26.33 -17.58
CA GLY A 431 1.42 -26.03 -16.19
C GLY A 431 0.23 -26.24 -15.27
N SER A 432 -0.97 -25.92 -15.75
CA SER A 432 -2.16 -26.22 -14.97
C SER A 432 -2.32 -27.72 -14.77
N LEU A 433 -2.04 -28.51 -15.80
CA LEU A 433 -2.09 -29.96 -15.67
C LEU A 433 -1.06 -30.45 -14.65
N LEU A 434 0.14 -29.87 -14.68
CA LEU A 434 1.17 -30.19 -13.70
C LEU A 434 0.88 -29.59 -12.33
N GLY A 435 0.00 -28.60 -12.25
CA GLY A 435 -0.44 -28.08 -10.97
C GLY A 435 0.25 -26.81 -10.52
N THR A 436 0.50 -25.89 -11.45
CA THR A 436 1.14 -24.63 -11.13
C THR A 436 0.30 -23.48 -11.66
N SER A 437 0.59 -22.27 -11.16
CA SER A 437 -0.08 -21.05 -11.58
C SER A 437 0.28 -20.78 -13.03
N PRO A 438 -0.50 -19.96 -13.75
CA PRO A 438 -0.24 -19.78 -15.19
C PRO A 438 1.19 -19.34 -15.47
N VAL A 439 1.78 -19.95 -16.49
CA VAL A 439 3.15 -19.66 -16.88
C VAL A 439 3.13 -18.66 -18.02
N THR A 440 4.11 -17.77 -18.04
CA THR A 440 4.17 -16.79 -19.10
C THR A 440 5.60 -16.52 -19.47
N VAL A 441 5.78 -15.71 -20.50
CA VAL A 441 7.11 -15.31 -20.93
C VAL A 441 7.62 -14.23 -20.00
N PHE A 442 8.78 -14.47 -19.39
CA PHE A 442 9.36 -13.48 -18.49
C PHE A 442 10.02 -12.35 -19.25
N ILE A 443 9.98 -11.16 -18.66
CA ILE A 443 10.73 -10.02 -19.17
C ILE A 443 12.22 -10.29 -19.09
N GLU A 444 12.64 -11.19 -18.19
CA GLU A 444 14.04 -11.56 -18.07
C GLU A 444 14.57 -12.20 -19.35
N SER A 445 13.69 -12.69 -20.22
CA SER A 445 14.12 -13.19 -21.52
C SER A 445 14.90 -12.13 -22.29
N SER A 446 14.60 -10.85 -22.07
CA SER A 446 15.31 -9.78 -22.75
C SER A 446 16.81 -9.87 -22.48
N THR A 447 17.19 -10.35 -21.29
CA THR A 447 18.60 -10.50 -20.97
C THR A 447 19.29 -11.39 -21.99
N GLY A 448 18.63 -12.48 -22.40
CA GLY A 448 19.20 -13.30 -23.47
C GLY A 448 19.24 -12.57 -24.79
N ILE A 449 18.18 -11.82 -25.12
CA ILE A 449 18.13 -11.12 -26.39
C ILE A 449 19.23 -10.07 -26.46
N ARG A 450 19.50 -9.40 -25.34
CA ARG A 450 20.61 -8.45 -25.30
C ARG A 450 21.95 -9.15 -25.50
N GLU A 451 22.05 -10.43 -25.12
CA GLU A 451 23.29 -11.17 -25.28
C GLU A 451 23.47 -11.71 -26.69
N GLY A 452 22.45 -11.59 -27.54
CA GLY A 452 22.58 -12.03 -28.92
C GLY A 452 21.66 -13.17 -29.29
N GLY A 453 20.82 -13.61 -28.34
CA GLY A 453 19.87 -14.67 -28.62
C GLY A 453 18.81 -14.25 -29.62
N ARG A 454 18.69 -15.00 -30.71
CA ARG A 454 17.74 -14.66 -31.76
C ARG A 454 16.84 -15.82 -32.18
N THR A 455 17.23 -17.06 -31.93
CA THR A 455 16.49 -18.23 -32.37
C THR A 455 15.92 -18.97 -31.15
N GLY A 456 15.27 -20.09 -31.43
CA GLY A 456 14.70 -20.90 -30.37
C GLY A 456 15.71 -21.71 -29.59
N LEU A 457 16.97 -21.73 -30.02
CA LEU A 457 18.00 -22.46 -29.28
C LEU A 457 18.24 -21.84 -27.91
N THR A 458 17.97 -20.54 -27.77
CA THR A 458 18.04 -19.92 -26.45
C THR A 458 17.01 -20.53 -25.50
N ALA A 459 15.78 -20.74 -26.01
CA ALA A 459 14.75 -21.37 -25.19
C ALA A 459 15.12 -22.81 -24.85
N ILE A 460 15.72 -23.53 -25.79
CA ILE A 460 16.13 -24.91 -25.52
C ILE A 460 17.24 -24.93 -24.48
N THR A 461 18.17 -23.97 -24.54
CA THR A 461 19.21 -23.88 -23.53
C THR A 461 18.63 -23.59 -22.15
N VAL A 462 17.64 -22.69 -22.09
CA VAL A 462 16.99 -22.41 -20.82
C VAL A 462 16.26 -23.65 -20.30
N ALA A 463 15.65 -24.41 -21.22
CA ALA A 463 14.97 -25.64 -20.83
C ALA A 463 15.94 -26.67 -20.28
N VAL A 464 17.12 -26.78 -20.89
CA VAL A 464 18.13 -27.71 -20.38
C VAL A 464 18.63 -27.26 -19.02
N TYR A 465 18.81 -25.94 -18.83
CA TYR A 465 19.19 -25.43 -17.52
C TYR A 465 18.12 -25.72 -16.47
N PHE A 466 16.85 -25.64 -16.86
CA PHE A 466 15.77 -25.99 -15.94
C PHE A 466 15.79 -27.49 -15.63
N LEU A 467 16.10 -28.32 -16.63
CA LEU A 467 16.27 -29.75 -16.40
C LEU A 467 17.34 -30.00 -15.34
N LEU A 468 18.48 -29.32 -15.47
CA LEU A 468 19.53 -29.44 -14.47
C LEU A 468 19.09 -28.83 -13.13
N ALA A 469 18.15 -27.89 -13.15
CA ALA A 469 17.62 -27.34 -11.91
C ALA A 469 16.86 -28.41 -11.14
N MET A 470 16.11 -29.25 -11.85
CA MET A 470 15.60 -30.46 -11.24
C MET A 470 16.79 -31.36 -10.88
N PHE A 471 16.53 -32.33 -10.00
CA PHE A 471 17.53 -33.10 -9.26
C PHE A 471 18.11 -32.30 -8.10
N PHE A 472 17.70 -31.04 -7.94
CA PHE A 472 18.11 -30.23 -6.81
C PHE A 472 16.92 -29.78 -5.98
N THR A 473 15.84 -30.55 -6.02
CA THR A 473 14.67 -30.24 -5.19
C THR A 473 14.98 -30.16 -3.71
N PRO A 474 15.76 -31.07 -3.10
CA PRO A 474 16.13 -30.87 -1.70
C PRO A 474 16.89 -29.59 -1.46
N LEU A 475 17.68 -29.16 -2.44
CA LEU A 475 18.46 -27.95 -2.30
C LEU A 475 17.59 -26.72 -2.45
N LEU A 476 16.42 -26.87 -3.10
CA LEU A 476 15.49 -25.77 -3.32
C LEU A 476 14.32 -25.76 -2.35
N ALA A 477 14.01 -26.89 -1.72
CA ALA A 477 12.93 -26.95 -0.75
C ALA A 477 13.32 -26.38 0.60
N SER A 478 14.60 -26.07 0.80
CA SER A 478 15.11 -25.56 2.06
C SER A 478 15.32 -24.05 2.04
N ILE A 479 14.52 -23.33 1.26
CA ILE A 479 14.68 -21.89 1.09
C ILE A 479 13.63 -21.20 1.97
N PRO A 480 14.06 -20.42 2.96
CA PRO A 480 13.11 -19.87 3.94
C PRO A 480 12.34 -18.67 3.39
N ALA A 481 11.38 -18.22 4.19
CA ALA A 481 10.53 -17.10 3.79
C ALA A 481 11.33 -15.82 3.65
N TRP A 482 12.28 -15.58 4.55
CA TRP A 482 13.09 -14.37 4.46
C TRP A 482 14.08 -14.42 3.31
N ALA A 483 14.24 -15.58 2.66
CA ALA A 483 14.98 -15.62 1.41
C ALA A 483 14.08 -15.31 0.22
N VAL A 484 12.82 -15.75 0.26
CA VAL A 484 11.86 -15.38 -0.77
C VAL A 484 11.66 -13.87 -0.76
N GLY A 485 11.15 -13.33 0.33
CA GLY A 485 11.57 -12.04 0.84
C GLY A 485 11.89 -10.96 -0.17
N PRO A 486 13.16 -10.55 -0.16
CA PRO A 486 13.60 -9.35 -0.91
C PRO A 486 13.39 -9.46 -2.41
N PRO A 487 13.48 -10.66 -3.02
CA PRO A 487 13.09 -10.75 -4.44
C PRO A 487 11.70 -10.21 -4.72
N LEU A 488 10.73 -10.45 -3.85
CA LEU A 488 9.40 -9.93 -4.07
C LEU A 488 9.39 -8.40 -4.06
N ILE A 489 10.08 -7.80 -3.09
CA ILE A 489 10.13 -6.35 -2.98
C ILE A 489 10.82 -5.76 -4.21
N LEU A 490 11.89 -6.39 -4.68
CA LEU A 490 12.64 -5.83 -5.80
C LEU A 490 11.90 -6.05 -7.12
N VAL A 491 11.15 -7.14 -7.24
CA VAL A 491 10.25 -7.30 -8.38
C VAL A 491 9.22 -6.19 -8.37
N GLY A 492 8.68 -5.85 -7.20
CA GLY A 492 7.78 -4.72 -7.11
C GLY A 492 8.44 -3.42 -7.52
N VAL A 493 9.68 -3.22 -7.09
CA VAL A 493 10.42 -2.00 -7.45
C VAL A 493 10.55 -1.89 -8.97
N MET A 494 10.92 -2.99 -9.62
CA MET A 494 11.10 -2.95 -11.07
C MET A 494 9.77 -2.78 -11.80
N MET A 495 8.71 -3.39 -11.29
CA MET A 495 7.41 -3.26 -11.94
C MET A 495 6.82 -1.88 -11.72
N MET A 496 7.29 -1.15 -10.70
CA MET A 496 6.76 0.18 -10.43
C MET A 496 7.11 1.19 -11.50
N LYS A 497 8.02 0.88 -12.42
CA LYS A 497 8.45 1.84 -13.43
C LYS A 497 7.36 2.20 -14.41
N SER A 498 6.24 1.47 -14.44
CA SER A 498 5.16 1.77 -15.36
C SER A 498 4.34 2.99 -14.95
N VAL A 499 4.58 3.55 -13.77
CA VAL A 499 3.79 4.69 -13.30
C VAL A 499 4.03 5.91 -14.17
N THR A 500 5.21 6.01 -14.80
CA THR A 500 5.54 7.17 -15.60
C THR A 500 4.72 7.28 -16.88
N GLU A 501 4.02 6.22 -17.27
CA GLU A 501 3.20 6.21 -18.47
C GLU A 501 1.76 6.64 -18.21
N ILE A 502 1.43 7.00 -16.98
CA ILE A 502 0.09 7.42 -16.60
C ILE A 502 0.05 8.94 -16.61
N ASP A 503 -0.98 9.50 -17.25
CA ASP A 503 -1.20 10.95 -17.25
C ASP A 503 -1.81 11.32 -15.91
N TRP A 504 -0.94 11.58 -14.92
CA TRP A 504 -1.41 11.88 -13.58
C TRP A 504 -2.06 13.24 -13.47
N GLU A 505 -1.89 14.11 -14.46
CA GLU A 505 -2.60 15.39 -14.46
C GLU A 505 -4.07 15.23 -14.82
N ASP A 506 -4.39 14.24 -15.63
CA ASP A 506 -5.78 13.97 -16.01
C ASP A 506 -6.41 13.07 -14.95
N MET A 507 -7.44 13.59 -14.28
CA MET A 507 -8.08 12.82 -13.22
C MET A 507 -8.79 11.59 -13.78
N ARG A 508 -9.36 11.69 -14.98
CA ARG A 508 -9.99 10.54 -15.61
C ARG A 508 -8.99 9.42 -15.88
N GLU A 509 -7.70 9.75 -15.95
CA GLU A 509 -6.65 8.75 -16.07
C GLU A 509 -5.98 8.43 -14.74
N ALA A 510 -5.79 9.44 -13.89
CA ALA A 510 -5.09 9.24 -12.63
C ALA A 510 -5.92 8.46 -11.62
N ILE A 511 -7.19 8.79 -11.50
CA ILE A 511 -8.05 8.17 -10.48
C ILE A 511 -8.22 6.67 -10.73
N PRO A 512 -8.57 6.21 -11.95
CA PRO A 512 -8.61 4.75 -12.15
C PRO A 512 -7.27 4.08 -11.96
N ALA A 513 -6.20 4.70 -12.43
CA ALA A 513 -4.87 4.13 -12.26
C ALA A 513 -4.50 4.03 -10.79
N PHE A 514 -4.76 5.09 -10.03
CA PHE A 514 -4.48 5.07 -8.60
C PHE A 514 -5.34 4.03 -7.89
N VAL A 515 -6.61 3.92 -8.26
CA VAL A 515 -7.49 2.96 -7.62
C VAL A 515 -6.99 1.54 -7.84
N THR A 516 -6.65 1.20 -9.08
CA THR A 516 -6.07 -0.11 -9.36
C THR A 516 -4.80 -0.32 -8.54
N MET A 517 -3.91 0.67 -8.58
CA MET A 517 -2.57 0.55 -8.02
C MET A 517 -2.63 0.37 -6.51
N ILE A 518 -3.61 0.97 -5.86
CA ILE A 518 -3.71 0.89 -4.41
C ILE A 518 -4.61 -0.25 -3.96
N LEU A 519 -5.59 -0.64 -4.76
CA LEU A 519 -6.47 -1.73 -4.36
C LEU A 519 -5.83 -3.09 -4.53
N MET A 520 -4.88 -3.24 -5.47
CA MET A 520 -4.20 -4.53 -5.56
C MET A 520 -3.46 -4.91 -4.30
N PRO A 521 -2.67 -4.04 -3.65
CA PRO A 521 -2.04 -4.44 -2.38
C PRO A 521 -2.94 -4.31 -1.16
N LEU A 522 -3.85 -3.35 -1.15
CA LEU A 522 -4.64 -3.09 0.05
C LEU A 522 -5.77 -4.11 0.20
N THR A 523 -6.61 -4.26 -0.82
CA THR A 523 -7.54 -5.38 -0.81
C THR A 523 -6.83 -6.71 -0.94
N TYR A 524 -5.53 -6.68 -1.30
CA TYR A 524 -4.68 -7.85 -1.33
C TYR A 524 -5.16 -8.83 -2.40
N SER A 525 -5.57 -8.27 -3.53
CA SER A 525 -6.17 -9.05 -4.61
C SER A 525 -5.97 -8.31 -5.93
N VAL A 526 -5.41 -9.00 -6.92
CA VAL A 526 -5.28 -8.43 -8.26
C VAL A 526 -6.66 -8.24 -8.88
N ALA A 527 -7.55 -9.22 -8.67
CA ALA A 527 -8.89 -9.15 -9.25
C ALA A 527 -9.65 -7.93 -8.73
N TYR A 528 -9.57 -7.68 -7.42
CA TYR A 528 -10.30 -6.55 -6.85
C TYR A 528 -9.74 -5.22 -7.36
N GLY A 529 -8.41 -5.13 -7.48
CA GLY A 529 -7.82 -3.93 -8.05
C GLY A 529 -8.27 -3.69 -9.48
N LEU A 530 -8.27 -4.74 -10.30
CA LEU A 530 -8.73 -4.61 -11.68
C LEU A 530 -10.19 -4.20 -11.75
N ILE A 531 -11.04 -4.82 -10.92
CA ILE A 531 -12.46 -4.51 -10.94
C ILE A 531 -12.69 -3.07 -10.53
N GLY A 532 -12.03 -2.64 -9.44
CA GLY A 532 -12.19 -1.27 -8.99
C GLY A 532 -11.70 -0.25 -10.00
N GLY A 533 -10.55 -0.54 -10.64
CA GLY A 533 -10.04 0.38 -11.65
C GLY A 533 -10.95 0.49 -12.85
N ILE A 534 -11.44 -0.65 -13.34
CA ILE A 534 -12.34 -0.63 -14.49
C ILE A 534 -13.64 0.08 -14.15
N GLY A 535 -14.18 -0.19 -12.96
CA GLY A 535 -15.41 0.48 -12.56
C GLY A 535 -15.24 1.98 -12.42
N SER A 536 -14.13 2.41 -11.81
CA SER A 536 -13.87 3.84 -11.68
C SER A 536 -13.68 4.49 -13.03
N TYR A 537 -12.98 3.82 -13.94
CA TYR A 537 -12.80 4.35 -15.29
C TYR A 537 -14.14 4.52 -15.99
N VAL A 538 -14.99 3.49 -15.92
CA VAL A 538 -16.29 3.57 -16.58
C VAL A 538 -17.14 4.68 -15.97
N VAL A 539 -17.16 4.79 -14.64
CA VAL A 539 -17.95 5.81 -13.98
C VAL A 539 -17.45 7.20 -14.36
N LEU A 540 -16.13 7.39 -14.38
CA LEU A 540 -15.59 8.71 -14.68
C LEU A 540 -15.75 9.09 -16.14
N HIS A 541 -15.84 8.10 -17.03
CA HIS A 541 -16.03 8.39 -18.45
C HIS A 541 -17.49 8.31 -18.87
N LEU A 542 -18.41 8.03 -17.94
CA LEU A 542 -19.83 8.00 -18.29
C LEU A 542 -20.29 9.33 -18.85
N TRP A 543 -19.87 10.45 -18.25
CA TRP A 543 -20.30 11.76 -18.72
C TRP A 543 -19.81 12.01 -20.13
N ASP A 544 -18.53 11.74 -20.40
CA ASP A 544 -17.98 11.96 -21.73
C ASP A 544 -18.64 11.06 -22.77
N TRP A 545 -18.88 9.79 -22.41
CA TRP A 545 -19.50 8.87 -23.34
C TRP A 545 -20.94 9.28 -23.63
N GLY A 546 -21.68 9.72 -22.61
CA GLY A 546 -23.02 10.21 -22.85
C GLY A 546 -23.04 11.46 -23.70
N GLU A 547 -22.08 12.36 -23.49
CA GLU A 547 -21.99 13.56 -24.30
C GLU A 547 -21.73 13.22 -25.76
N GLU A 548 -20.76 12.33 -26.03
CA GLU A 548 -20.45 11.98 -27.41
C GLU A 548 -21.59 11.20 -28.05
N GLY A 549 -22.30 10.39 -27.26
CA GLY A 549 -23.47 9.70 -27.79
C GLY A 549 -24.59 10.65 -28.16
N LEU A 550 -24.83 11.66 -27.33
CA LEU A 550 -25.84 12.67 -27.65
C LEU A 550 -25.43 13.46 -28.89
N VAL A 551 -24.13 13.79 -29.01
CA VAL A 551 -23.66 14.50 -30.20
C VAL A 551 -23.86 13.65 -31.45
N LYS A 552 -23.53 12.36 -31.37
CA LYS A 552 -23.73 11.48 -32.52
C LYS A 552 -25.21 11.36 -32.87
N LEU A 553 -26.07 11.27 -31.85
CA LEU A 553 -27.50 11.25 -32.09
C LEU A 553 -28.01 12.59 -32.63
N GLY A 554 -27.34 13.69 -32.29
CA GLY A 554 -27.70 15.00 -32.78
C GLY A 554 -28.34 15.93 -31.77
N PHE A 555 -28.55 15.48 -30.53
CA PHE A 555 -29.18 16.32 -29.53
C PHE A 555 -28.27 17.46 -29.10
N LEU A 556 -26.95 17.29 -29.24
CA LEU A 556 -25.98 18.32 -28.86
C LEU A 556 -25.04 18.58 -30.02
N LYS A 557 -24.42 19.76 -29.99
CA LYS A 557 -23.50 20.18 -31.04
C LYS A 557 -22.06 20.15 -30.56
N PRO B 18 -17.97 54.84 -15.27
CA PRO B 18 -17.95 53.38 -15.35
C PRO B 18 -18.88 52.72 -14.33
N LYS B 19 -18.72 51.41 -14.14
CA LYS B 19 -19.58 50.68 -13.23
C LYS B 19 -19.22 51.02 -11.78
N LEU B 20 -20.13 50.66 -10.87
CA LEU B 20 -19.89 50.89 -9.45
C LEU B 20 -18.74 50.03 -8.95
N LEU B 21 -18.55 48.85 -9.54
CA LEU B 21 -17.44 47.98 -9.11
C LEU B 21 -16.10 48.59 -9.46
N ASN B 22 -16.00 49.24 -10.62
CA ASN B 22 -14.73 49.86 -11.01
C ASN B 22 -14.38 51.01 -10.09
N ARG B 23 -15.38 51.70 -9.54
CA ARG B 23 -15.12 52.79 -8.60
C ARG B 23 -14.44 52.26 -7.34
N LEU B 24 -14.91 51.10 -6.85
CA LEU B 24 -14.29 50.50 -5.67
C LEU B 24 -12.84 50.12 -5.94
N ASN B 25 -12.55 49.57 -7.12
CA ASN B 25 -11.20 49.14 -7.44
C ASN B 25 -10.23 50.31 -7.49
N THR B 26 -10.64 51.41 -8.13
CA THR B 26 -9.75 52.56 -8.24
C THR B 26 -9.56 53.24 -6.89
N TYR B 27 -10.60 53.31 -6.07
CA TYR B 27 -10.48 53.95 -4.77
C TYR B 27 -9.56 53.18 -3.85
N VAL B 28 -9.72 51.86 -3.78
CA VAL B 28 -8.87 51.06 -2.92
C VAL B 28 -7.44 51.02 -3.44
N GLY B 29 -7.27 50.90 -4.76
CA GLY B 29 -5.93 50.80 -5.32
C GLY B 29 -5.10 52.04 -5.09
N SER B 30 -5.73 53.21 -5.10
CA SER B 30 -5.03 54.47 -4.89
C SER B 30 -4.97 54.87 -3.41
N SER B 31 -5.57 54.09 -2.52
CA SER B 31 -5.59 54.43 -1.11
C SER B 31 -4.29 54.00 -0.43
N ARG B 32 -4.20 54.28 0.87
CA ARG B 32 -3.03 53.88 1.64
C ARG B 32 -2.90 52.38 1.73
N VAL B 33 -4.03 51.68 1.92
CA VAL B 33 -4.01 50.22 1.95
C VAL B 33 -3.58 49.66 0.61
N GLY B 34 -4.08 50.24 -0.49
CA GLY B 34 -3.71 49.74 -1.80
C GLY B 34 -2.24 49.86 -2.10
N LYS B 35 -1.63 50.98 -1.72
CA LYS B 35 -0.19 51.15 -1.92
C LYS B 35 0.61 50.26 -0.97
N ARG B 36 0.10 50.05 0.25
CA ARG B 36 0.78 49.16 1.19
C ARG B 36 0.82 47.73 0.66
N PHE B 37 -0.27 47.27 0.05
CA PHE B 37 -0.34 45.93 -0.52
C PHE B 37 0.17 45.87 -1.95
N LYS B 38 0.59 47.00 -2.51
CA LYS B 38 1.16 47.05 -3.87
C LYS B 38 0.16 46.52 -4.89
N LEU B 39 -1.11 46.92 -4.75
CA LEU B 39 -2.14 46.46 -5.67
C LEU B 39 -1.89 46.98 -7.09
N ALA B 40 -1.54 48.26 -7.21
CA ALA B 40 -1.29 48.83 -8.53
C ALA B 40 -0.05 48.21 -9.17
N GLU B 41 1.01 48.01 -8.39
CA GLU B 41 2.26 47.48 -8.93
C GLU B 41 2.13 46.03 -9.40
N ARG B 42 1.11 45.31 -8.97
CA ARG B 42 0.93 43.91 -9.34
C ARG B 42 -0.26 43.70 -10.26
N ASN B 43 -0.91 44.77 -10.71
CA ASN B 43 -1.93 44.73 -11.77
C ASN B 43 -3.21 44.01 -11.31
N SER B 44 -3.63 44.28 -10.08
CA SER B 44 -4.89 43.79 -9.54
C SER B 44 -5.19 44.54 -8.25
N THR B 45 -6.38 45.11 -8.09
CA THR B 45 -6.62 46.05 -6.99
C THR B 45 -7.56 45.49 -5.93
N PHE B 46 -8.82 45.28 -6.23
CA PHE B 46 -9.56 44.81 -5.07
C PHE B 46 -10.47 43.61 -5.35
N THR B 47 -11.17 43.62 -6.48
CA THR B 47 -12.11 42.54 -6.75
C THR B 47 -11.38 41.27 -7.15
N THR B 48 -10.27 41.40 -7.88
CA THR B 48 -9.47 40.23 -8.22
C THR B 48 -8.96 39.53 -6.98
N GLU B 49 -8.53 40.29 -5.97
CA GLU B 49 -8.10 39.68 -4.71
C GLU B 49 -9.27 39.01 -4.00
N LEU B 50 -10.45 39.64 -4.03
CA LEU B 50 -11.62 39.03 -3.40
C LEU B 50 -12.02 37.74 -4.09
N ARG B 51 -12.01 37.72 -5.42
CA ARG B 51 -12.33 36.49 -6.14
C ARG B 51 -11.23 35.44 -5.95
N ALA B 52 -9.96 35.89 -5.94
CA ALA B 52 -8.86 34.96 -5.72
C ALA B 52 -8.93 34.37 -4.31
N GLY B 53 -9.25 35.19 -3.31
CA GLY B 53 -9.42 34.67 -1.97
C GLY B 53 -10.59 33.71 -1.87
N THR B 54 -11.70 34.04 -2.53
CA THR B 54 -12.84 33.13 -2.55
C THR B 54 -12.50 31.83 -3.27
N ALA B 55 -11.78 31.92 -4.40
CA ALA B 55 -11.40 30.73 -5.13
C ALA B 55 -10.46 29.85 -4.31
N THR B 56 -9.50 30.47 -3.61
CA THR B 56 -8.59 29.69 -2.77
C THR B 56 -9.34 29.02 -1.63
N PHE B 57 -10.26 29.75 -0.99
CA PHE B 57 -10.97 29.18 0.16
C PHE B 57 -11.83 27.99 -0.25
N LEU B 58 -12.55 28.10 -1.36
CA LEU B 58 -13.39 27.00 -1.81
C LEU B 58 -12.57 25.75 -2.09
N THR B 59 -11.44 25.91 -2.77
CA THR B 59 -10.57 24.78 -3.07
C THR B 59 -9.92 24.23 -1.81
N MET B 60 -9.91 25.00 -0.72
CA MET B 60 -9.20 24.65 0.49
C MET B 60 -10.12 24.35 1.67
N ALA B 61 -11.40 24.71 1.58
CA ALA B 61 -12.27 24.65 2.75
C ALA B 61 -12.51 23.23 3.24
N TYR B 62 -12.14 22.21 2.46
CA TYR B 62 -12.28 20.83 2.91
C TYR B 62 -11.47 20.56 4.18
N ILE B 63 -10.44 21.36 4.45
CA ILE B 63 -9.64 21.17 5.65
C ILE B 63 -10.46 21.48 6.90
N LEU B 64 -11.53 22.27 6.76
CA LEU B 64 -12.42 22.52 7.88
C LEU B 64 -13.08 21.23 8.36
N ALA B 65 -13.28 20.29 7.46
CA ALA B 65 -13.87 18.99 7.79
C ALA B 65 -12.81 17.93 8.08
N VAL B 66 -11.81 17.82 7.20
CA VAL B 66 -10.86 16.70 7.28
C VAL B 66 -9.93 16.85 8.48
N ASN B 67 -9.41 18.04 8.72
CA ASN B 67 -8.37 18.21 9.73
C ASN B 67 -8.89 17.91 11.13
N ALA B 68 -10.02 18.49 11.50
CA ALA B 68 -10.55 18.30 12.84
C ALA B 68 -10.97 16.85 13.06
N SER B 69 -11.54 16.21 12.04
CA SER B 69 -11.93 14.81 12.16
C SER B 69 -10.71 13.92 12.38
N ILE B 70 -9.63 14.17 11.64
CA ILE B 70 -8.43 13.36 11.78
C ILE B 70 -7.80 13.56 13.16
N LEU B 71 -7.63 14.82 13.57
CA LEU B 71 -6.97 15.10 14.85
C LEU B 71 -7.84 14.67 16.03
N SER B 72 -9.15 14.57 15.83
CA SER B 72 -10.02 14.09 16.90
C SER B 72 -9.75 12.62 17.21
N ASP B 73 -9.50 11.82 16.16
CA ASP B 73 -9.19 10.40 16.37
C ASP B 73 -7.93 10.20 17.19
N SER B 74 -7.07 11.23 17.27
CA SER B 74 -5.90 11.18 18.14
C SER B 74 -6.27 11.13 19.61
N GLY B 75 -7.52 11.41 19.95
CA GLY B 75 -7.98 11.37 21.33
C GLY B 75 -7.94 12.68 22.06
N GLY B 76 -7.20 13.66 21.54
CA GLY B 76 -7.15 14.96 22.19
C GLY B 76 -6.38 14.91 23.51
N THR B 77 -6.72 15.85 24.39
CA THR B 77 -5.97 16.05 25.61
C THR B 77 -6.44 15.18 26.78
N CYS B 78 -7.52 14.44 26.64
CA CYS B 78 -8.06 13.75 27.79
C CYS B 78 -7.55 12.31 27.85
N SER B 79 -7.51 11.78 29.06
CA SER B 79 -6.96 10.48 29.37
C SER B 79 -8.05 9.58 29.97
N VAL B 80 -7.63 8.46 30.54
CA VAL B 80 -8.50 7.53 31.25
C VAL B 80 -9.22 8.27 32.38
N SER B 81 -8.62 9.38 32.84
CA SER B 81 -9.21 10.15 33.94
C SER B 81 -10.60 10.67 33.61
N ASP B 82 -10.94 10.83 32.33
CA ASP B 82 -12.28 11.23 31.93
C ASP B 82 -13.16 10.05 31.55
N CYS B 83 -12.67 8.82 31.68
CA CYS B 83 -13.52 7.65 31.53
C CYS B 83 -14.34 7.46 32.80
N ILE B 84 -15.65 7.28 32.64
CA ILE B 84 -16.53 7.12 33.79
C ILE B 84 -16.55 5.64 34.20
N PRO B 85 -16.67 5.35 35.49
CA PRO B 85 -16.86 3.95 35.90
C PRO B 85 -18.17 3.40 35.36
N LEU B 86 -18.15 2.14 34.97
CA LEU B 86 -19.31 1.47 34.37
C LEU B 86 -19.79 0.36 35.28
N CYS B 87 -21.11 0.15 35.30
CA CYS B 87 -21.68 -0.91 36.10
C CYS B 87 -21.28 -2.28 35.53
N SER B 88 -21.37 -3.29 36.39
CA SER B 88 -20.99 -4.64 35.98
C SER B 88 -21.85 -5.14 34.83
N ASN B 89 -23.16 -4.89 34.90
CA ASN B 89 -23.99 -5.28 33.76
C ASN B 89 -24.37 -4.06 32.93
N PRO B 90 -24.50 -4.22 31.61
CA PRO B 90 -24.86 -3.05 30.78
C PRO B 90 -26.27 -2.54 30.99
N ALA B 91 -27.16 -3.36 31.57
CA ALA B 91 -28.56 -2.99 31.67
C ALA B 91 -28.85 -1.97 32.75
N ILE B 92 -27.88 -1.65 33.61
CA ILE B 92 -28.10 -0.77 34.75
C ILE B 92 -27.20 0.45 34.60
N GLU B 93 -27.79 1.63 34.69
CA GLU B 93 -27.03 2.87 34.67
C GLU B 93 -26.18 2.95 35.94
N PRO B 94 -24.96 3.51 35.85
CA PRO B 94 -24.02 3.42 36.97
C PRO B 94 -24.53 3.95 38.29
N SER B 95 -25.45 4.93 38.29
CA SER B 95 -25.95 5.45 39.56
C SER B 95 -26.75 4.39 40.32
N GLN B 96 -27.39 3.46 39.60
CA GLN B 96 -28.18 2.40 40.22
C GLN B 96 -27.37 1.11 40.38
N CYS B 97 -26.04 1.22 40.36
CA CYS B 97 -25.18 0.04 40.44
C CYS B 97 -24.87 -0.31 41.89
N THR B 98 -25.93 -0.61 42.63
CA THR B 98 -25.84 -1.04 44.03
C THR B 98 -26.74 -2.25 44.21
N GLY B 99 -26.14 -3.42 44.42
CA GLY B 99 -26.88 -4.65 44.59
C GLY B 99 -25.99 -5.84 44.81
N PRO B 100 -26.59 -7.02 44.95
CA PRO B 100 -25.80 -8.24 45.14
C PRO B 100 -25.10 -8.65 43.85
N GLY B 101 -23.79 -8.84 43.93
CA GLY B 101 -23.02 -9.18 42.76
C GLY B 101 -22.90 -8.07 41.75
N LEU B 102 -23.22 -6.84 42.14
CA LEU B 102 -23.20 -5.68 41.24
C LEU B 102 -22.15 -4.71 41.74
N ARG B 103 -21.30 -4.25 40.83
CA ARG B 103 -20.18 -3.39 41.20
C ARG B 103 -19.86 -2.44 40.07
N LEU B 104 -19.18 -1.35 40.41
CA LEU B 104 -18.71 -0.39 39.42
C LEU B 104 -17.28 -0.74 39.00
N ILE B 105 -17.07 -0.88 37.71
CA ILE B 105 -15.77 -1.25 37.15
C ILE B 105 -14.96 0.02 36.96
N GLN B 106 -13.85 0.14 37.68
CA GLN B 106 -13.00 1.30 37.54
C GLN B 106 -12.34 1.27 36.15
N PRO B 107 -12.33 2.41 35.45
CA PRO B 107 -11.81 2.42 34.07
C PRO B 107 -10.29 2.27 34.05
N ASP B 108 -9.79 1.53 33.07
CA ASP B 108 -8.38 1.33 32.84
C ASP B 108 -8.03 1.86 31.45
N VAL B 109 -6.81 1.55 30.99
CA VAL B 109 -6.34 2.02 29.69
C VAL B 109 -7.26 1.53 28.57
N SER B 110 -7.88 0.36 28.74
CA SER B 110 -8.73 -0.20 27.70
C SER B 110 -10.02 0.57 27.50
N CYS B 111 -10.36 1.50 28.42
CA CYS B 111 -11.57 2.31 28.24
C CYS B 111 -11.48 3.22 27.03
N LYS B 112 -10.27 3.57 26.60
CA LYS B 112 -10.11 4.46 25.45
C LYS B 112 -10.49 3.76 24.15
N PHE B 113 -10.30 2.45 24.07
CA PHE B 113 -10.50 1.70 22.85
C PHE B 113 -11.77 0.86 22.94
N ASN B 114 -12.05 0.11 21.88
CA ASN B 114 -13.31 -0.63 21.78
C ASN B 114 -13.42 -1.66 22.90
N PRO B 115 -14.52 -1.69 23.66
CA PRO B 115 -15.64 -0.74 23.51
C PRO B 115 -15.36 0.58 24.21
N VAL B 116 -15.53 1.69 23.49
CA VAL B 116 -15.11 2.99 24.00
C VAL B 116 -16.02 3.41 25.15
N ASN B 117 -15.39 3.82 26.25
CA ASN B 117 -16.14 4.30 27.40
C ASN B 117 -16.96 5.53 27.02
N PRO B 118 -18.23 5.61 27.42
CA PRO B 118 -19.01 6.81 27.10
C PRO B 118 -18.40 8.10 27.62
N GLY B 119 -17.71 8.04 28.76
CA GLY B 119 -17.01 9.22 29.24
C GLY B 119 -15.91 9.67 28.31
N TYR B 120 -15.14 8.71 27.76
CA TYR B 120 -14.08 9.05 26.82
C TYR B 120 -14.66 9.45 25.46
N ALA B 121 -15.79 8.85 25.08
CA ALA B 121 -16.44 9.26 23.85
C ALA B 121 -16.95 10.69 23.94
N ALA B 122 -17.24 11.16 25.17
CA ALA B 122 -17.64 12.54 25.35
C ALA B 122 -16.47 13.50 25.20
N CYS B 123 -15.24 13.02 25.43
CA CYS B 123 -14.06 13.81 25.10
C CYS B 123 -14.04 14.19 23.62
N VAL B 124 -13.99 13.17 22.76
CA VAL B 124 -13.70 13.39 21.35
C VAL B 124 -14.73 14.34 20.74
N GLU B 125 -15.99 14.22 21.17
CA GLU B 125 -16.99 15.19 20.73
C GLU B 125 -16.65 16.60 21.21
N GLU B 126 -16.24 16.73 22.47
CA GLU B 126 -15.79 18.03 22.97
C GLU B 126 -14.46 18.44 22.35
N ILE B 127 -13.55 17.48 22.20
CA ILE B 127 -12.25 17.78 21.61
C ILE B 127 -12.39 18.16 20.13
N ARG B 128 -13.32 17.51 19.43
CA ARG B 128 -13.54 17.83 18.02
C ARG B 128 -13.98 19.27 17.85
N LYS B 129 -14.86 19.75 18.73
CA LYS B 129 -15.28 21.15 18.67
C LYS B 129 -14.10 22.08 18.91
N ASP B 130 -13.22 21.73 19.84
CA ASP B 130 -12.02 22.52 20.07
C ASP B 130 -11.12 22.50 18.83
N LEU B 131 -10.98 21.34 18.20
CA LEU B 131 -10.08 21.21 17.06
C LEU B 131 -10.66 21.87 15.82
N ILE B 132 -11.98 21.99 15.72
CA ILE B 132 -12.58 22.76 14.63
C ILE B 132 -12.20 24.23 14.76
N VAL B 133 -12.34 24.78 15.97
CA VAL B 133 -11.95 26.18 16.19
C VAL B 133 -10.45 26.34 16.08
N ALA B 134 -9.68 25.37 16.59
CA ALA B 134 -8.22 25.43 16.47
C ALA B 134 -7.80 25.38 15.01
N THR B 135 -8.47 24.56 14.20
CA THR B 135 -8.17 24.53 12.77
C THR B 135 -8.43 25.89 12.13
N VAL B 136 -9.56 26.51 12.45
CA VAL B 136 -9.89 27.81 11.88
C VAL B 136 -8.93 28.88 12.38
N ALA B 137 -8.72 28.93 13.70
CA ALA B 137 -7.89 29.98 14.27
C ALA B 137 -6.45 29.88 13.80
N ALA B 138 -5.92 28.67 13.69
CA ALA B 138 -4.59 28.50 13.12
C ALA B 138 -4.58 28.91 11.65
N SER B 139 -5.62 28.53 10.90
CA SER B 139 -5.71 28.94 9.51
C SER B 139 -5.89 30.45 9.38
N LEU B 140 -6.71 31.04 10.25
CA LEU B 140 -6.96 32.47 10.20
C LEU B 140 -5.69 33.26 10.51
N ILE B 141 -5.01 32.89 11.60
CA ILE B 141 -3.81 33.62 12.00
C ILE B 141 -2.69 33.43 10.99
N GLY B 142 -2.54 32.21 10.47
CA GLY B 142 -1.51 31.97 9.48
C GLY B 142 -1.72 32.77 8.21
N CYS B 143 -2.96 32.87 7.76
CA CYS B 143 -3.26 33.65 6.55
C CYS B 143 -3.00 35.13 6.79
N VAL B 144 -3.36 35.65 7.97
CA VAL B 144 -3.16 37.06 8.26
C VAL B 144 -1.68 37.39 8.34
N ILE B 145 -0.89 36.52 8.99
CA ILE B 145 0.55 36.75 9.07
C ILE B 145 1.17 36.72 7.67
N MET B 146 0.79 35.74 6.86
CA MET B 146 1.31 35.66 5.50
C MET B 146 0.86 36.85 4.67
N GLY B 147 -0.40 37.24 4.80
CA GLY B 147 -0.89 38.36 4.02
C GLY B 147 -0.25 39.68 4.40
N LEU B 148 0.01 39.88 5.69
CA LEU B 148 0.53 41.17 6.14
C LEU B 148 2.05 41.21 6.09
N MET B 149 2.72 40.26 6.74
CA MET B 149 4.17 40.33 6.86
C MET B 149 4.88 39.93 5.58
N ALA B 150 4.34 38.97 4.83
CA ALA B 150 4.96 38.54 3.58
C ALA B 150 4.34 39.15 2.34
N ASN B 151 3.06 39.53 2.41
CA ASN B 151 2.34 40.14 1.29
C ASN B 151 2.33 39.22 0.07
N LEU B 152 1.84 38.00 0.29
CA LEU B 152 1.73 37.01 -0.77
C LEU B 152 0.34 36.40 -0.78
N PRO B 153 -0.18 36.02 -1.94
CA PRO B 153 -1.51 35.42 -2.05
C PRO B 153 -1.55 33.94 -1.68
N LEU B 154 -1.05 33.63 -0.48
CA LEU B 154 -0.93 32.26 -0.02
C LEU B 154 -1.79 32.05 1.22
N ALA B 155 -2.51 30.93 1.25
CA ALA B 155 -3.38 30.58 2.36
C ALA B 155 -2.74 29.48 3.17
N LEU B 156 -2.84 29.59 4.50
CA LEU B 156 -2.22 28.64 5.42
C LEU B 156 -3.29 27.91 6.21
N ALA B 157 -3.08 26.62 6.43
CA ALA B 157 -3.99 25.78 7.18
C ALA B 157 -3.23 24.54 7.65
N PRO B 158 -3.74 23.80 8.62
CA PRO B 158 -3.06 22.55 9.02
C PRO B 158 -2.91 21.61 7.84
N GLY B 159 -1.65 21.28 7.53
CA GLY B 159 -1.34 20.57 6.30
C GLY B 159 -1.71 19.10 6.37
N MET B 160 -2.27 18.61 5.25
CA MET B 160 -2.68 17.21 5.17
C MET B 160 -1.50 16.26 5.34
N GLY B 161 -0.29 16.73 5.01
CA GLY B 161 0.88 15.90 5.20
C GLY B 161 1.15 15.58 6.65
N THR B 162 0.76 16.48 7.56
CA THR B 162 1.08 16.30 8.96
C THR B 162 -0.12 15.94 9.82
N ASN B 163 -1.35 16.11 9.31
CA ASN B 163 -2.53 15.78 10.11
C ASN B 163 -2.53 14.30 10.48
N ALA B 164 -2.51 13.43 9.46
CA ALA B 164 -2.60 12.00 9.69
C ALA B 164 -1.40 11.47 10.45
N TYR B 165 -0.21 11.99 10.15
CA TYR B 165 0.99 11.57 10.86
C TYR B 165 0.90 11.95 12.34
N PHE B 166 0.43 13.16 12.61
CA PHE B 166 0.29 13.60 14.00
C PHE B 166 -0.72 12.74 14.74
N ALA B 167 -1.86 12.46 14.13
CA ALA B 167 -2.96 11.82 14.84
C ALA B 167 -2.77 10.32 14.98
N TYR B 168 -2.49 9.63 13.86
CA TYR B 168 -2.49 8.18 13.84
C TYR B 168 -1.12 7.55 14.08
N THR B 169 -0.04 8.32 14.01
CA THR B 169 1.30 7.78 14.19
C THR B 169 1.98 8.33 15.43
N VAL B 170 2.08 9.65 15.57
CA VAL B 170 2.75 10.24 16.72
C VAL B 170 1.97 9.98 17.99
N VAL B 171 0.67 10.26 17.96
CA VAL B 171 -0.20 10.06 19.12
C VAL B 171 -0.95 8.74 19.03
N GLY B 172 -1.28 8.30 17.82
CA GLY B 172 -2.04 7.09 17.63
C GLY B 172 -3.53 7.33 17.83
N PHE B 173 -4.31 6.32 17.46
CA PHE B 173 -5.76 6.41 17.63
C PHE B 173 -6.11 6.38 19.11
N HIS B 174 -6.79 7.43 19.57
CA HIS B 174 -7.17 7.57 20.97
C HIS B 174 -5.95 7.46 21.89
N GLY B 175 -4.86 8.09 21.47
CA GLY B 175 -3.65 8.12 22.30
C GLY B 175 -3.01 6.76 22.51
N SER B 176 -3.00 5.92 21.49
CA SER B 176 -2.37 4.61 21.58
C SER B 176 -0.93 4.62 21.11
N GLY B 177 -0.41 5.76 20.67
CA GLY B 177 0.96 5.86 20.22
C GLY B 177 1.94 6.02 21.35
N SER B 178 3.22 6.23 20.97
CA SER B 178 4.29 6.34 21.94
C SER B 178 4.46 7.75 22.49
N ILE B 179 3.78 8.74 21.92
CA ILE B 179 3.88 10.12 22.35
C ILE B 179 2.47 10.62 22.65
N SER B 180 2.30 11.26 23.80
CA SER B 180 0.99 11.79 24.17
C SER B 180 0.65 13.01 23.29
N TYR B 181 -0.64 13.36 23.29
CA TYR B 181 -1.09 14.49 22.49
C TYR B 181 -0.44 15.79 22.96
N ARG B 182 -0.35 15.98 24.27
CA ARG B 182 0.30 17.18 24.79
C ARG B 182 1.78 17.22 24.44
N THR B 183 2.47 16.08 24.52
CA THR B 183 3.88 16.04 24.16
C THR B 183 4.08 16.24 22.67
N ALA B 184 3.15 15.72 21.86
CA ALA B 184 3.24 15.92 20.42
C ALA B 184 3.02 17.38 20.05
N LEU B 185 2.21 18.10 20.83
CA LEU B 185 2.06 19.53 20.61
C LEU B 185 3.37 20.27 20.87
N ALA B 186 4.10 19.86 21.90
CA ALA B 186 5.41 20.46 22.16
C ALA B 186 6.39 20.13 21.04
N ALA B 187 6.25 18.95 20.43
CA ALA B 187 7.08 18.62 19.28
C ALA B 187 6.80 19.55 18.11
N VAL B 188 5.52 19.87 17.88
CA VAL B 188 5.16 20.82 16.83
C VAL B 188 5.62 22.22 17.20
N PHE B 189 5.48 22.60 18.47
CA PHE B 189 5.88 23.93 18.91
C PHE B 189 7.38 24.13 18.73
N ILE B 190 8.18 23.15 19.17
CA ILE B 190 9.63 23.26 19.02
C ILE B 190 10.02 23.13 17.55
N GLU B 191 9.28 22.33 16.79
CA GLU B 191 9.51 22.24 15.35
C GLU B 191 9.29 23.59 14.68
N GLY B 192 8.24 24.30 15.06
CA GLY B 192 8.03 25.64 14.52
C GLY B 192 9.14 26.60 14.90
N LEU B 193 9.63 26.48 16.13
CA LEU B 193 10.73 27.36 16.57
C LEU B 193 12.01 27.04 15.83
N ILE B 194 12.33 25.76 15.67
CA ILE B 194 13.52 25.38 14.92
C ILE B 194 13.39 25.79 13.45
N PHE B 195 12.22 25.57 12.86
CA PHE B 195 12.01 25.97 11.47
C PHE B 195 12.11 27.47 11.30
N LEU B 196 11.61 28.23 12.27
CA LEU B 196 11.73 29.68 12.21
C LEU B 196 13.19 30.11 12.35
N PHE B 197 13.96 29.44 13.21
CA PHE B 197 15.34 29.84 13.44
C PHE B 197 16.20 29.57 12.22
N ILE B 198 16.11 28.37 11.65
CA ILE B 198 16.96 28.04 10.50
C ILE B 198 16.55 28.87 9.28
N SER B 199 15.26 29.16 9.15
CA SER B 199 14.81 30.02 8.06
C SER B 199 15.31 31.44 8.25
N ALA B 200 15.35 31.92 9.49
CA ALA B 200 15.81 33.28 9.76
C ALA B 200 17.30 33.46 9.51
N ILE B 201 18.09 32.39 9.61
CA ILE B 201 19.54 32.46 9.41
C ILE B 201 19.96 31.95 8.06
N GLY B 202 19.02 31.56 7.20
CA GLY B 202 19.35 31.15 5.85
C GLY B 202 19.81 29.72 5.69
N PHE B 203 19.68 28.89 6.72
CA PHE B 203 20.09 27.50 6.65
C PHE B 203 18.97 26.56 6.24
N ARG B 204 17.79 27.09 5.89
CA ARG B 204 16.69 26.24 5.48
C ARG B 204 17.00 25.53 4.16
N ALA B 205 17.61 26.24 3.21
CA ALA B 205 17.94 25.63 1.92
C ALA B 205 18.99 24.55 2.07
N LYS B 206 19.94 24.74 2.99
CA LYS B 206 20.97 23.73 3.22
C LYS B 206 20.36 22.45 3.79
N LEU B 207 19.38 22.57 4.68
CA LEU B 207 18.73 21.38 5.22
C LEU B 207 17.81 20.73 4.21
N ALA B 208 17.29 21.51 3.25
CA ALA B 208 16.41 20.94 2.23
C ALA B 208 17.15 19.98 1.31
N LYS B 209 18.41 20.28 1.00
CA LYS B 209 19.21 19.42 0.15
C LYS B 209 19.80 18.23 0.91
N LEU B 210 19.68 18.21 2.23
CA LEU B 210 20.17 17.07 3.00
C LEU B 210 19.40 15.80 2.67
N VAL B 211 18.09 15.93 2.45
CA VAL B 211 17.27 14.78 2.07
C VAL B 211 17.60 14.38 0.64
N PRO B 212 17.83 13.10 0.35
CA PRO B 212 18.13 12.69 -1.02
C PRO B 212 16.97 12.96 -1.96
N LYS B 213 17.31 13.22 -3.23
CA LYS B 213 16.29 13.57 -4.22
C LYS B 213 15.23 12.51 -4.41
N PRO B 214 15.55 11.22 -4.61
CA PRO B 214 14.47 10.23 -4.73
C PRO B 214 13.60 10.13 -3.49
N VAL B 215 14.19 10.28 -2.30
CA VAL B 215 13.40 10.23 -1.08
C VAL B 215 12.52 11.45 -0.95
N ARG B 216 13.05 12.63 -1.30
CA ARG B 216 12.28 13.86 -1.22
C ARG B 216 11.10 13.84 -2.18
N ILE B 217 11.30 13.37 -3.40
CA ILE B 217 10.22 13.34 -4.39
C ILE B 217 9.19 12.29 -4.02
N SER B 218 9.63 11.09 -3.64
CA SER B 218 8.70 10.00 -3.38
C SER B 218 8.04 10.09 -2.02
N SER B 219 8.50 10.99 -1.14
CA SER B 219 7.82 11.19 0.13
C SER B 219 6.42 11.74 -0.07
N SER B 220 6.26 12.64 -1.05
CA SER B 220 4.94 13.16 -1.35
C SER B 220 4.00 12.07 -1.85
N ALA B 221 4.50 11.16 -2.69
CA ALA B 221 3.69 10.04 -3.14
C ALA B 221 3.44 9.05 -2.00
N GLY B 222 4.41 8.89 -1.11
CA GLY B 222 4.22 8.00 0.02
C GLY B 222 3.16 8.50 0.99
N ILE B 223 3.13 9.80 1.23
CA ILE B 223 2.09 10.38 2.10
C ILE B 223 0.73 10.25 1.45
N GLY B 224 0.67 10.41 0.12
CA GLY B 224 -0.59 10.26 -0.58
C GLY B 224 -1.15 8.84 -0.47
N LEU B 225 -0.29 7.84 -0.58
CA LEU B 225 -0.72 6.47 -0.34
C LEU B 225 -1.12 6.28 1.11
N PHE B 226 -0.40 6.93 2.03
CA PHE B 226 -0.75 6.87 3.44
C PHE B 226 -2.12 7.50 3.69
N LEU B 227 -2.39 8.65 3.06
CA LEU B 227 -3.67 9.31 3.23
C LEU B 227 -4.80 8.52 2.59
N ALA B 228 -4.56 7.95 1.40
CA ALA B 228 -5.59 7.16 0.74
C ALA B 228 -5.89 5.89 1.51
N PHE B 229 -4.86 5.27 2.10
CA PHE B 229 -5.08 4.11 2.96
C PHE B 229 -5.97 4.47 4.15
N ILE B 230 -5.74 5.63 4.75
CA ILE B 230 -6.59 6.09 5.83
C ILE B 230 -8.00 6.33 5.34
N GLY B 231 -8.15 6.87 4.13
CA GLY B 231 -9.46 7.01 3.54
C GLY B 231 -10.16 5.70 3.26
N LEU B 232 -9.43 4.59 3.28
CA LEU B 232 -10.00 3.27 3.07
C LEU B 232 -10.10 2.45 4.35
N GLN B 233 -10.04 3.09 5.51
CA GLN B 233 -10.23 2.40 6.79
C GLN B 233 -11.64 2.64 7.28
N ASN B 234 -11.97 2.16 8.48
CA ASN B 234 -13.33 2.24 9.01
C ASN B 234 -13.52 3.45 9.91
N ASN B 235 -12.73 3.55 10.98
CA ASN B 235 -12.81 4.72 11.85
C ASN B 235 -12.27 5.98 11.18
N GLN B 236 -11.73 5.84 9.98
CA GLN B 236 -11.01 6.89 9.30
C GLN B 236 -11.63 7.31 7.97
N GLY B 237 -12.18 6.38 7.21
CA GLY B 237 -12.74 6.67 5.90
C GLY B 237 -13.97 5.87 5.56
N ILE B 238 -14.02 5.34 4.34
CA ILE B 238 -15.22 4.67 3.84
C ILE B 238 -15.25 3.18 4.13
N GLY B 239 -14.16 2.60 4.63
CA GLY B 239 -14.07 1.16 4.73
C GLY B 239 -13.40 0.57 3.51
N LEU B 240 -13.82 -0.62 3.09
CA LEU B 240 -13.32 -1.39 1.96
C LEU B 240 -11.98 -2.05 2.26
N VAL B 241 -11.32 -1.73 3.37
CA VAL B 241 -10.10 -2.41 3.78
C VAL B 241 -10.27 -2.81 5.24
N GLY B 242 -10.26 -4.11 5.50
CA GLY B 242 -10.47 -4.63 6.83
C GLY B 242 -9.43 -5.68 7.17
N TYR B 243 -9.55 -6.21 8.38
CA TYR B 243 -8.61 -7.20 8.87
C TYR B 243 -8.79 -8.53 8.14
N SER B 244 -7.70 -9.27 8.01
CA SER B 244 -7.71 -10.62 7.46
C SER B 244 -6.82 -11.49 8.34
N PRO B 245 -7.31 -12.65 8.80
CA PRO B 245 -6.43 -13.53 9.57
C PRO B 245 -5.21 -14.00 8.81
N SER B 246 -5.31 -14.15 7.48
CA SER B 246 -4.22 -14.70 6.70
C SER B 246 -3.40 -13.64 5.99
N THR B 247 -4.05 -12.67 5.35
CA THR B 247 -3.36 -11.65 4.57
C THR B 247 -3.28 -10.30 5.25
N LEU B 248 -3.92 -10.14 6.41
CA LEU B 248 -3.87 -8.96 7.25
C LEU B 248 -4.65 -7.79 6.67
N VAL B 249 -5.07 -7.91 5.41
CA VAL B 249 -5.90 -6.91 4.73
C VAL B 249 -6.71 -7.61 3.64
N THR B 250 -8.01 -7.37 3.61
CA THR B 250 -8.89 -7.85 2.55
C THR B 250 -9.99 -6.82 2.32
N LEU B 251 -11.04 -7.27 1.64
CA LEU B 251 -12.14 -6.39 1.25
C LEU B 251 -13.12 -6.24 2.40
N ALA B 252 -13.18 -5.03 2.94
CA ALA B 252 -14.14 -4.62 3.96
C ALA B 252 -15.36 -4.04 3.26
N ALA B 253 -16.07 -3.14 3.96
CA ALA B 253 -17.30 -2.49 3.51
C ALA B 253 -18.49 -3.43 3.67
N CYS B 254 -18.42 -4.28 4.67
CA CYS B 254 -19.59 -4.95 5.19
C CYS B 254 -20.30 -4.03 6.17
N PRO B 255 -21.59 -4.25 6.42
CA PRO B 255 -22.32 -3.40 7.36
C PRO B 255 -21.70 -3.46 8.76
N ALA B 256 -21.86 -2.37 9.50
CA ALA B 256 -21.27 -2.27 10.83
C ALA B 256 -21.79 -3.38 11.76
N SER B 257 -23.00 -3.87 11.51
CA SER B 257 -23.53 -4.97 12.31
C SER B 257 -22.78 -6.27 12.06
N SER B 258 -22.07 -6.40 10.95
CA SER B 258 -21.32 -7.60 10.62
C SER B 258 -19.82 -7.41 10.77
N ARG B 259 -19.40 -6.50 11.63
CA ARG B 259 -17.98 -6.29 11.93
C ARG B 259 -17.71 -6.68 13.38
N ILE B 260 -16.60 -7.37 13.60
CA ILE B 260 -16.27 -7.91 14.90
C ILE B 260 -14.84 -7.52 15.26
N SER B 261 -14.56 -7.55 16.56
CA SER B 261 -13.27 -7.15 17.09
C SER B 261 -12.31 -8.33 17.18
N LEU B 262 -11.06 -8.02 17.53
CA LEU B 262 -10.03 -9.02 17.70
C LEU B 262 -9.28 -8.75 19.00
N ALA B 263 -8.79 -9.82 19.61
CA ALA B 263 -7.96 -9.70 20.79
C ALA B 263 -6.84 -10.72 20.70
N PRO B 264 -5.67 -10.41 21.23
CA PRO B 264 -4.56 -11.37 21.22
C PRO B 264 -4.89 -12.62 22.02
N VAL B 265 -4.38 -13.76 21.55
CA VAL B 265 -4.61 -15.05 22.19
C VAL B 265 -3.28 -15.81 22.27
N ILE B 266 -3.30 -16.87 23.07
CA ILE B 266 -2.13 -17.72 23.28
C ILE B 266 -2.41 -19.07 22.65
N THR B 267 -1.59 -19.45 21.68
CA THR B 267 -1.72 -20.75 21.03
C THR B 267 -0.86 -21.79 21.74
N SER B 268 -1.08 -23.05 21.38
CA SER B 268 -0.34 -24.17 21.94
C SER B 268 -0.24 -25.25 20.88
N ALA B 269 0.10 -26.47 21.31
CA ALA B 269 0.10 -27.61 20.40
C ALA B 269 -1.25 -28.33 20.35
N ASN B 270 -2.25 -27.79 21.04
CA ASN B 270 -3.61 -28.34 21.02
C ASN B 270 -4.56 -27.51 20.19
N GLY B 271 -4.67 -26.22 20.48
CA GLY B 271 -5.68 -25.37 19.86
C GLY B 271 -6.48 -24.64 20.91
N THR B 272 -5.99 -24.68 22.15
CA THR B 272 -6.67 -24.04 23.28
C THR B 272 -6.30 -22.55 23.32
N VAL B 273 -6.79 -21.84 22.31
CA VAL B 273 -6.51 -20.41 22.18
C VAL B 273 -7.24 -19.68 23.30
N SER B 274 -6.48 -19.22 24.29
CA SER B 274 -7.04 -18.50 25.42
C SER B 274 -6.75 -17.00 25.29
N LEU B 275 -7.68 -16.19 25.79
CA LEU B 275 -7.56 -14.75 25.65
C LEU B 275 -6.37 -14.23 26.46
N LEU B 276 -5.62 -13.30 25.87
CA LEU B 276 -4.49 -12.68 26.53
C LEU B 276 -4.98 -11.52 27.38
N ALA B 277 -4.89 -11.66 28.70
CA ALA B 277 -5.40 -10.62 29.60
C ALA B 277 -4.64 -9.33 29.40
N GLY B 278 -5.37 -8.22 29.35
CA GLY B 278 -4.78 -6.92 29.10
C GLY B 278 -4.51 -6.63 27.64
N GLY B 279 -4.90 -7.52 26.73
CA GLY B 279 -4.64 -7.28 25.32
C GLY B 279 -5.44 -6.11 24.78
N SER B 280 -4.86 -5.43 23.80
CA SER B 280 -5.49 -4.26 23.19
C SER B 280 -6.48 -4.72 22.13
N VAL B 281 -7.76 -4.72 22.48
CA VAL B 281 -8.79 -5.12 21.53
C VAL B 281 -8.92 -4.08 20.43
N SER B 282 -9.06 -4.56 19.20
CA SER B 282 -9.16 -3.68 18.04
C SER B 282 -10.55 -3.07 17.99
N GLY B 283 -10.86 -2.36 16.90
CA GLY B 283 -12.19 -1.81 16.73
C GLY B 283 -13.12 -2.84 16.15
N ASP B 284 -13.81 -2.52 15.05
CA ASP B 284 -14.65 -3.48 14.34
C ASP B 284 -14.11 -3.53 12.92
N ILE B 285 -13.10 -4.39 12.71
CA ILE B 285 -12.35 -4.41 11.47
C ILE B 285 -12.47 -5.71 10.69
N MET B 286 -13.01 -6.77 11.29
CA MET B 286 -13.13 -8.06 10.64
C MET B 286 -14.56 -8.26 10.18
N CYS B 287 -14.73 -8.45 8.87
CA CYS B 287 -16.04 -8.71 8.29
C CYS B 287 -16.34 -10.20 8.34
N ILE B 288 -17.49 -10.56 8.90
CA ILE B 288 -17.91 -11.95 8.91
C ILE B 288 -18.72 -12.30 7.65
N HIS B 289 -19.54 -11.38 7.18
CA HIS B 289 -20.36 -11.62 5.99
C HIS B 289 -20.83 -10.26 5.47
N GLY B 290 -21.52 -10.29 4.34
CA GLY B 290 -22.05 -9.08 3.74
C GLY B 290 -21.01 -8.12 3.20
N ARG B 291 -19.97 -8.63 2.57
CA ARG B 291 -18.93 -7.78 2.00
C ARG B 291 -19.50 -6.93 0.87
N MET B 292 -19.02 -5.69 0.77
CA MET B 292 -19.48 -4.71 -0.22
C MET B 292 -20.98 -4.46 -0.10
N GLU B 293 -21.50 -4.40 1.12
CA GLU B 293 -22.91 -4.16 1.34
C GLU B 293 -23.19 -3.04 2.34
N SER B 294 -22.17 -2.40 2.88
CA SER B 294 -22.41 -1.33 3.85
C SER B 294 -22.91 -0.09 3.13
N PRO B 295 -24.06 0.46 3.52
CA PRO B 295 -24.54 1.68 2.88
C PRO B 295 -23.63 2.88 3.06
N THR B 296 -22.90 2.95 4.18
CA THR B 296 -22.01 4.09 4.41
C THR B 296 -20.84 4.08 3.43
N PHE B 297 -20.32 2.90 3.10
CA PHE B 297 -19.27 2.82 2.09
C PHE B 297 -19.79 3.26 0.73
N TRP B 298 -20.99 2.82 0.36
CA TRP B 298 -21.54 3.19 -0.93
C TRP B 298 -21.91 4.68 -0.97
N LEU B 299 -22.33 5.23 0.16
CA LEU B 299 -22.53 6.68 0.24
C LEU B 299 -21.21 7.41 0.07
N GLY B 300 -20.14 6.87 0.65
CA GLY B 300 -18.82 7.43 0.42
C GLY B 300 -18.38 7.32 -1.02
N ILE B 301 -18.72 6.22 -1.68
CA ILE B 301 -18.37 6.04 -3.09
C ILE B 301 -19.07 7.09 -3.95
N VAL B 302 -20.33 7.39 -3.63
CA VAL B 302 -21.04 8.45 -4.35
C VAL B 302 -20.35 9.79 -4.13
N GLY B 303 -19.95 10.08 -2.89
CA GLY B 303 -19.18 11.29 -2.64
C GLY B 303 -17.84 11.27 -3.34
N PHE B 304 -17.24 10.09 -3.47
CA PHE B 304 -16.00 9.96 -4.25
C PHE B 304 -16.24 10.33 -5.71
N VAL B 305 -17.35 9.87 -6.28
CA VAL B 305 -17.66 10.17 -7.67
C VAL B 305 -17.95 11.65 -7.85
N ILE B 306 -18.62 12.27 -6.88
CA ILE B 306 -18.98 13.68 -6.99
C ILE B 306 -17.72 14.54 -7.02
N ILE B 307 -16.78 14.28 -6.10
CA ILE B 307 -15.53 15.04 -6.10
C ILE B 307 -14.73 14.74 -7.36
N ALA B 308 -14.70 13.48 -7.78
CA ALA B 308 -13.90 13.11 -8.94
C ALA B 308 -14.37 13.83 -10.20
N TYR B 309 -15.68 13.88 -10.42
CA TYR B 309 -16.20 14.64 -11.56
C TYR B 309 -15.95 16.13 -11.41
N CYS B 310 -16.15 16.66 -10.20
CA CYS B 310 -15.90 18.09 -9.99
C CYS B 310 -14.43 18.41 -10.16
N LEU B 311 -13.55 17.47 -9.82
CA LEU B 311 -12.13 17.65 -10.09
C LEU B 311 -11.84 17.56 -11.59
N VAL B 312 -12.51 16.65 -12.29
CA VAL B 312 -12.32 16.52 -13.73
C VAL B 312 -12.80 17.78 -14.44
N LYS B 313 -13.95 18.31 -14.04
CA LYS B 313 -14.56 19.47 -14.67
C LYS B 313 -13.93 20.79 -14.22
N ASN B 314 -12.82 20.74 -13.49
CA ASN B 314 -12.14 21.93 -12.99
C ASN B 314 -13.08 22.81 -12.16
N VAL B 315 -13.90 22.17 -11.33
CA VAL B 315 -14.84 22.88 -10.48
C VAL B 315 -14.16 23.21 -9.16
N LYS B 316 -14.09 24.49 -8.83
CA LYS B 316 -13.50 24.91 -7.56
C LYS B 316 -14.37 24.46 -6.40
N GLY B 317 -13.73 24.09 -5.30
CA GLY B 317 -14.44 23.51 -4.19
C GLY B 317 -15.00 22.14 -4.48
N ALA B 318 -14.25 21.31 -5.20
CA ALA B 318 -14.72 19.96 -5.52
C ALA B 318 -14.89 19.12 -4.28
N MET B 319 -13.95 19.22 -3.33
CA MET B 319 -14.01 18.36 -2.15
C MET B 319 -15.08 18.82 -1.16
N ILE B 320 -15.47 20.10 -1.19
CA ILE B 320 -16.59 20.55 -0.38
C ILE B 320 -17.88 19.87 -0.82
N TYR B 321 -18.13 19.84 -2.13
CA TYR B 321 -19.41 19.34 -2.62
C TYR B 321 -19.58 17.86 -2.31
N GLY B 322 -18.50 17.08 -2.41
CA GLY B 322 -18.58 15.69 -2.01
C GLY B 322 -18.75 15.51 -0.52
N ILE B 323 -18.03 16.31 0.28
CA ILE B 323 -18.18 16.24 1.73
C ILE B 323 -19.58 16.70 2.13
N VAL B 324 -20.05 17.80 1.56
CA VAL B 324 -21.36 18.33 1.94
C VAL B 324 -22.46 17.35 1.56
N PHE B 325 -22.37 16.76 0.36
CA PHE B 325 -23.41 15.83 -0.08
C PHE B 325 -23.49 14.62 0.83
N VAL B 326 -22.34 14.02 1.15
CA VAL B 326 -22.33 12.84 2.01
C VAL B 326 -22.76 13.22 3.42
N THR B 327 -22.30 14.38 3.91
CA THR B 327 -22.69 14.82 5.24
C THR B 327 -24.18 15.14 5.32
N ALA B 328 -24.72 15.80 4.29
CA ALA B 328 -26.13 16.15 4.29
C ALA B 328 -27.01 14.91 4.30
N VAL B 329 -26.64 13.88 3.53
CA VAL B 329 -27.38 12.63 3.56
C VAL B 329 -27.26 11.96 4.92
N SER B 330 -26.10 12.08 5.56
CA SER B 330 -25.87 11.50 6.87
C SER B 330 -26.55 12.27 8.00
N TRP B 331 -27.10 13.46 7.72
CA TRP B 331 -27.75 14.26 8.74
C TRP B 331 -29.17 13.80 9.04
N PHE B 332 -29.76 12.98 8.18
CA PHE B 332 -31.06 12.40 8.47
C PHE B 332 -30.93 11.37 9.58
N ARG B 333 -31.93 11.33 10.44
CA ARG B 333 -31.75 10.74 11.77
C ARG B 333 -31.89 9.22 11.80
N ASN B 334 -32.81 8.65 11.02
CA ASN B 334 -33.17 7.24 11.17
C ASN B 334 -32.80 6.41 9.95
N THR B 335 -31.63 6.65 9.37
CA THR B 335 -31.14 5.86 8.26
C THR B 335 -29.93 5.03 8.68
N GLU B 336 -29.47 4.19 7.78
CA GLU B 336 -28.27 3.39 8.03
C GLU B 336 -26.98 4.16 7.78
N VAL B 337 -27.05 5.31 7.12
CA VAL B 337 -25.90 6.16 6.88
C VAL B 337 -25.91 7.38 7.78
N THR B 338 -26.67 7.34 8.87
CA THR B 338 -26.85 8.51 9.71
C THR B 338 -25.58 8.85 10.46
N ALA B 339 -25.36 10.14 10.68
CA ALA B 339 -24.28 10.62 11.52
C ALA B 339 -24.69 10.76 12.98
N PHE B 340 -25.97 10.57 13.29
CA PHE B 340 -26.49 10.66 14.65
C PHE B 340 -27.26 9.38 14.94
N PRO B 341 -26.57 8.31 15.34
CA PRO B 341 -27.25 7.07 15.65
C PRO B 341 -28.16 7.22 16.87
N ASN B 342 -29.15 6.34 16.96
CA ASN B 342 -30.13 6.42 18.04
C ASN B 342 -29.51 5.95 19.35
N THR B 343 -28.50 6.66 19.83
CA THR B 343 -27.83 6.36 21.09
C THR B 343 -27.72 7.65 21.89
N SER B 344 -27.15 7.53 23.10
CA SER B 344 -26.93 8.73 23.91
C SER B 344 -25.92 9.65 23.25
N ALA B 345 -24.85 9.10 22.70
CA ALA B 345 -23.87 9.91 21.97
C ALA B 345 -24.48 10.52 20.73
N GLY B 346 -25.28 9.75 19.99
CA GLY B 346 -25.91 10.27 18.79
C GLY B 346 -26.94 11.35 19.09
N ASP B 347 -27.68 11.20 20.19
CA ASP B 347 -28.62 12.24 20.59
C ASP B 347 -27.89 13.53 20.97
N ALA B 348 -26.78 13.41 21.68
CA ALA B 348 -26.00 14.59 22.03
C ALA B 348 -25.38 15.23 20.80
N ALA B 349 -24.88 14.42 19.87
CA ALA B 349 -24.32 14.96 18.64
C ALA B 349 -25.38 15.68 17.81
N HIS B 350 -26.58 15.09 17.73
CA HIS B 350 -27.68 15.74 17.02
C HIS B 350 -28.10 17.02 17.73
N ASP B 351 -28.14 17.01 19.06
CA ASP B 351 -28.56 18.18 19.81
C ASP B 351 -27.63 19.37 19.55
N TYR B 352 -26.33 19.11 19.52
CA TYR B 352 -25.38 20.16 19.16
C TYR B 352 -25.55 20.56 17.70
N PHE B 353 -25.86 19.59 16.83
CA PHE B 353 -26.07 19.91 15.42
C PHE B 353 -27.33 20.75 15.22
N LYS B 354 -28.29 20.66 16.14
CA LYS B 354 -29.54 21.41 15.99
C LYS B 354 -29.29 22.91 15.95
N LYS B 355 -28.46 23.42 16.86
CA LYS B 355 -28.08 24.83 16.82
C LYS B 355 -27.10 25.03 15.68
N ILE B 356 -27.57 25.68 14.61
CA ILE B 356 -26.75 25.81 13.41
C ILE B 356 -25.49 26.62 13.71
N VAL B 357 -25.62 27.63 14.57
CA VAL B 357 -24.54 28.56 14.86
C VAL B 357 -24.16 28.44 16.34
N ASP B 358 -22.86 28.43 16.60
CA ASP B 358 -22.34 28.39 17.96
C ASP B 358 -20.94 28.98 17.98
N VAL B 359 -20.67 29.83 18.96
CA VAL B 359 -19.34 30.41 19.15
C VAL B 359 -18.65 29.53 20.19
N HIS B 360 -17.99 28.49 19.71
CA HIS B 360 -17.30 27.57 20.61
C HIS B 360 -15.96 28.16 21.04
N VAL B 361 -15.65 27.99 22.32
CA VAL B 361 -14.40 28.48 22.91
C VAL B 361 -13.55 27.28 23.25
N ILE B 362 -12.28 27.30 22.79
CA ILE B 362 -11.39 26.18 23.05
C ILE B 362 -11.11 26.10 24.54
N LYS B 363 -11.37 24.94 25.13
CA LYS B 363 -11.25 24.74 26.57
C LYS B 363 -10.14 23.78 26.94
N HIS B 364 -9.99 22.68 26.20
CA HIS B 364 -9.03 21.64 26.54
C HIS B 364 -7.78 21.66 25.68
N THR B 365 -7.87 22.19 24.46
CA THR B 365 -6.81 22.03 23.47
C THR B 365 -5.85 23.21 23.41
N ALA B 366 -6.32 24.43 23.64
CA ALA B 366 -5.46 25.59 23.56
C ALA B 366 -4.51 25.64 24.76
N GLY B 367 -3.24 25.89 24.50
CA GLY B 367 -2.25 25.94 25.55
C GLY B 367 -2.05 24.62 26.28
N ALA B 368 -2.15 23.51 25.55
CA ALA B 368 -2.03 22.17 26.12
C ALA B 368 -0.65 21.57 25.86
N LEU B 369 0.38 22.41 25.79
CA LEU B 369 1.73 21.91 25.55
C LEU B 369 2.26 21.20 26.79
N SER B 370 3.16 20.26 26.55
CA SER B 370 3.82 19.53 27.65
C SER B 370 5.21 19.12 27.19
N PHE B 371 6.23 19.64 27.87
CA PHE B 371 7.61 19.37 27.52
C PHE B 371 8.21 18.23 28.36
N SER B 372 7.36 17.34 28.89
CA SER B 372 7.84 16.27 29.73
C SER B 372 8.53 15.16 28.95
N GLY B 373 8.15 14.98 27.68
CA GLY B 373 8.67 13.86 26.91
C GLY B 373 9.83 14.20 25.98
N ILE B 374 10.53 15.31 26.25
CA ILE B 374 11.63 15.71 25.38
C ILE B 374 12.72 14.66 25.36
N ASN B 375 13.05 14.09 26.53
CA ASN B 375 14.15 13.14 26.61
C ASN B 375 13.87 11.83 25.88
N LYS B 376 12.63 11.58 25.47
CA LYS B 376 12.29 10.33 24.80
C LYS B 376 12.69 10.39 23.33
N GLY B 377 13.10 9.23 22.80
CA GLY B 377 13.49 9.17 21.40
C GLY B 377 12.33 9.39 20.44
N HIS B 378 11.14 8.91 20.81
CA HIS B 378 9.97 9.04 19.93
C HIS B 378 9.56 10.50 19.77
N PHE B 379 9.84 11.33 20.76
CA PHE B 379 9.55 12.76 20.64
C PHE B 379 10.38 13.38 19.51
N TRP B 380 11.67 13.04 19.46
CA TRP B 380 12.56 13.60 18.44
C TRP B 380 12.34 12.96 17.08
N GLU B 381 11.89 11.71 17.04
CA GLU B 381 11.49 11.11 15.77
C GLU B 381 10.32 11.86 15.16
N ALA B 382 9.35 12.24 16.00
CA ALA B 382 8.23 13.04 15.51
C ALA B 382 8.66 14.46 15.19
N LEU B 383 9.51 15.06 16.02
CA LEU B 383 9.93 16.43 15.80
C LEU B 383 10.72 16.56 14.50
N VAL B 384 11.63 15.64 14.23
CA VAL B 384 12.42 15.70 13.01
C VAL B 384 11.55 15.43 11.79
N THR B 385 10.62 14.48 11.91
CA THR B 385 9.72 14.20 10.79
C THR B 385 8.80 15.39 10.51
N PHE B 386 8.32 16.05 11.56
CA PHE B 386 7.56 17.27 11.36
C PHE B 386 8.40 18.33 10.67
N LEU B 387 9.67 18.46 11.07
CA LEU B 387 10.54 19.48 10.51
C LEU B 387 10.83 19.22 9.04
N TYR B 388 11.25 18.00 8.70
CA TYR B 388 11.58 17.69 7.32
C TYR B 388 10.35 17.74 6.42
N VAL B 389 9.21 17.23 6.90
CA VAL B 389 8.00 17.31 6.09
C VAL B 389 7.62 18.77 5.84
N ASP B 390 7.69 19.60 6.89
CA ASP B 390 7.37 21.02 6.72
C ASP B 390 8.39 21.71 5.83
N ILE B 391 9.69 21.41 6.00
CA ILE B 391 10.71 22.05 5.18
C ILE B 391 10.54 21.67 3.72
N LEU B 392 10.43 20.36 3.44
CA LEU B 392 10.32 19.91 2.06
C LEU B 392 9.02 20.37 1.42
N ASP B 393 7.92 20.30 2.18
CA ASP B 393 6.63 20.76 1.65
C ASP B 393 6.67 22.25 1.35
N THR B 394 7.07 23.06 2.32
CA THR B 394 7.04 24.51 2.15
C THR B 394 7.99 24.95 1.05
N THR B 395 9.19 24.39 1.02
CA THR B 395 10.15 24.76 -0.02
C THR B 395 9.64 24.38 -1.40
N GLY B 396 9.09 23.17 -1.54
CA GLY B 396 8.53 22.79 -2.82
C GLY B 396 7.26 23.55 -3.16
N THR B 397 6.41 23.78 -2.16
CA THR B 397 5.12 24.41 -2.41
C THR B 397 5.27 25.89 -2.70
N LEU B 398 6.09 26.59 -1.90
CA LEU B 398 6.23 28.04 -2.08
C LEU B 398 6.83 28.38 -3.42
N TYR B 399 7.86 27.66 -3.84
CA TYR B 399 8.47 27.92 -5.14
C TYR B 399 7.58 27.43 -6.28
N SER B 400 6.61 26.56 -5.96
CA SER B 400 5.69 26.08 -7.00
C SER B 400 4.77 27.20 -7.47
N MET B 401 4.13 27.91 -6.53
CA MET B 401 3.27 29.02 -6.95
C MET B 401 4.07 30.22 -7.40
N ALA B 402 5.32 30.34 -6.92
CA ALA B 402 6.15 31.47 -7.32
C ALA B 402 6.34 31.49 -8.83
N ARG B 403 6.38 30.31 -9.45
CA ARG B 403 6.37 30.24 -10.92
C ARG B 403 5.00 30.58 -11.47
N PHE B 404 3.93 30.18 -10.76
CA PHE B 404 2.58 30.47 -11.22
C PHE B 404 2.32 31.97 -11.26
N ALA B 405 2.72 32.69 -10.21
CA ALA B 405 2.55 34.13 -10.13
C ALA B 405 3.64 34.91 -10.87
N GLY B 406 4.64 34.21 -11.38
CA GLY B 406 5.73 34.87 -12.10
C GLY B 406 6.54 35.81 -11.23
N PHE B 407 6.68 35.50 -9.95
CA PHE B 407 7.47 36.31 -9.04
C PHE B 407 8.95 35.90 -9.02
N VAL B 408 9.29 34.79 -9.68
CA VAL B 408 10.67 34.29 -9.67
C VAL B 408 11.48 35.06 -10.69
N ASP B 409 12.61 35.61 -10.25
CA ASP B 409 13.53 36.30 -11.14
C ASP B 409 14.58 35.33 -11.64
N GLU B 410 15.65 35.85 -12.26
CA GLU B 410 16.72 34.99 -12.73
C GLU B 410 17.44 34.29 -11.58
N LYS B 411 17.62 34.99 -10.45
CA LYS B 411 18.32 34.42 -9.31
C LYS B 411 17.55 33.27 -8.67
N GLY B 412 16.24 33.18 -8.90
CA GLY B 412 15.43 32.10 -8.37
C GLY B 412 14.67 32.40 -7.09
N ASP B 413 14.64 33.65 -6.65
CA ASP B 413 13.89 34.06 -5.47
C ASP B 413 12.75 35.00 -5.87
N PHE B 414 11.77 35.13 -4.98
CA PHE B 414 10.57 35.90 -5.26
C PHE B 414 10.32 36.96 -4.19
N ALA B 415 11.39 37.70 -3.86
CA ALA B 415 11.29 38.90 -3.04
C ALA B 415 10.80 38.63 -1.63
N GLY B 416 9.51 38.28 -1.51
CA GLY B 416 8.91 38.08 -0.21
C GLY B 416 9.10 36.69 0.33
N GLN B 417 10.07 35.95 -0.22
CA GLN B 417 10.28 34.57 0.20
C GLN B 417 10.77 34.50 1.64
N TYR B 418 11.59 35.47 2.05
CA TYR B 418 12.18 35.42 3.39
C TYR B 418 11.11 35.48 4.45
N PHE B 419 10.15 36.38 4.31
CA PHE B 419 9.05 36.46 5.25
C PHE B 419 7.97 35.42 4.97
N ALA B 420 7.96 34.83 3.78
CA ALA B 420 7.01 33.75 3.50
C ALA B 420 7.30 32.53 4.35
N PHE B 421 8.58 32.19 4.52
CA PHE B 421 8.94 31.01 5.30
C PHE B 421 8.82 31.26 6.80
N MET B 422 9.08 32.49 7.25
CA MET B 422 8.86 32.80 8.66
C MET B 422 7.38 32.93 8.99
N SER B 423 6.57 33.37 8.02
CA SER B 423 5.12 33.36 8.22
C SER B 423 4.61 31.94 8.39
N ASP B 424 5.11 31.02 7.57
CA ASP B 424 4.75 29.61 7.72
C ASP B 424 5.25 29.06 9.06
N ALA B 425 6.48 29.40 9.42
CA ALA B 425 7.05 28.88 10.67
C ALA B 425 6.37 29.45 11.89
N SER B 426 6.08 30.76 11.87
CA SER B 426 5.39 31.38 12.99
C SER B 426 3.99 30.80 13.17
N ALA B 427 3.30 30.54 12.07
CA ALA B 427 1.96 29.98 12.15
C ALA B 427 1.98 28.56 12.70
N ILE B 428 3.09 27.83 12.49
CA ILE B 428 3.23 26.50 13.09
C ILE B 428 3.28 26.61 14.60
N VAL B 429 4.03 27.59 15.12
CA VAL B 429 4.10 27.80 16.56
C VAL B 429 2.72 28.19 17.10
N ILE B 430 2.01 29.07 16.39
CA ILE B 430 0.68 29.48 16.83
C ILE B 430 -0.28 28.30 16.81
N GLY B 431 -0.21 27.48 15.75
CA GLY B 431 -1.09 26.34 15.65
C GLY B 431 -0.88 25.33 16.76
N SER B 432 0.37 25.09 17.14
CA SER B 432 0.66 24.18 18.24
C SER B 432 0.10 24.71 19.55
N LEU B 433 0.19 26.03 19.78
CA LEU B 433 -0.40 26.62 20.97
C LEU B 433 -1.90 26.45 20.98
N LEU B 434 -2.54 26.60 19.82
CA LEU B 434 -3.97 26.33 19.70
C LEU B 434 -4.25 24.83 19.70
N GLY B 435 -3.25 24.00 19.47
CA GLY B 435 -3.39 22.56 19.61
C GLY B 435 -3.73 21.81 18.35
N THR B 436 -3.07 22.15 17.25
CA THR B 436 -3.33 21.51 15.96
C THR B 436 -2.01 21.05 15.36
N SER B 437 -2.12 20.16 14.36
CA SER B 437 -0.97 19.66 13.63
C SER B 437 -0.33 20.81 12.87
N PRO B 438 0.94 20.70 12.48
CA PRO B 438 1.62 21.85 11.86
C PRO B 438 0.87 22.38 10.65
N VAL B 439 0.76 23.70 10.57
CA VAL B 439 0.08 24.36 9.47
C VAL B 439 1.11 24.70 8.40
N THR B 440 0.69 24.68 7.15
CA THR B 440 1.60 25.00 6.08
C THR B 440 0.87 25.66 4.94
N VAL B 441 1.64 26.20 4.02
CA VAL B 441 1.06 26.83 2.84
C VAL B 441 0.50 25.74 1.93
N PHE B 442 -0.79 25.84 1.62
CA PHE B 442 -1.41 24.83 0.77
C PHE B 442 -1.12 25.07 -0.70
N ILE B 443 -0.99 23.97 -1.44
CA ILE B 443 -0.88 24.03 -2.90
C ILE B 443 -2.16 24.59 -3.49
N GLU B 444 -3.27 24.52 -2.75
CA GLU B 444 -4.53 25.09 -3.20
C GLU B 444 -4.47 26.61 -3.32
N SER B 445 -3.44 27.24 -2.77
CA SER B 445 -3.24 28.68 -2.97
C SER B 445 -3.01 29.01 -4.44
N SER B 446 -2.59 28.04 -5.24
CA SER B 446 -2.39 28.28 -6.67
C SER B 446 -3.69 28.60 -7.38
N THR B 447 -4.82 28.14 -6.83
CA THR B 447 -6.11 28.44 -7.43
C THR B 447 -6.39 29.94 -7.43
N GLY B 448 -6.15 30.61 -6.29
CA GLY B 448 -6.33 32.05 -6.24
C GLY B 448 -5.32 32.79 -7.10
N ILE B 449 -4.09 32.30 -7.13
CA ILE B 449 -3.06 32.92 -7.96
C ILE B 449 -3.43 32.80 -9.44
N ARG B 450 -3.96 31.66 -9.85
CA ARG B 450 -4.43 31.50 -11.22
C ARG B 450 -5.61 32.42 -11.51
N GLU B 451 -6.43 32.72 -10.49
CA GLU B 451 -7.53 33.66 -10.65
C GLU B 451 -7.06 35.11 -10.66
N GLY B 452 -5.80 35.37 -10.32
CA GLY B 452 -5.27 36.73 -10.39
C GLY B 452 -4.77 37.27 -9.07
N GLY B 453 -4.79 36.44 -8.02
CA GLY B 453 -4.30 36.89 -6.73
C GLY B 453 -2.80 37.12 -6.77
N ARG B 454 -2.37 38.31 -6.36
CA ARG B 454 -0.96 38.68 -6.39
C ARG B 454 -0.46 39.29 -5.10
N THR B 455 -1.32 39.83 -4.25
CA THR B 455 -0.93 40.51 -3.03
C THR B 455 -1.42 39.73 -1.81
N GLY B 456 -1.15 40.29 -0.63
CA GLY B 456 -1.58 39.66 0.60
C GLY B 456 -3.06 39.82 0.89
N LEU B 457 -3.77 40.64 0.12
CA LEU B 457 -5.20 40.76 0.30
C LEU B 457 -5.92 39.46 -0.02
N THR B 458 -5.32 38.63 -0.87
CA THR B 458 -5.88 37.30 -1.11
C THR B 458 -5.86 36.46 0.16
N ALA B 459 -4.75 36.51 0.90
CA ALA B 459 -4.68 35.78 2.16
C ALA B 459 -5.63 36.34 3.21
N ILE B 460 -5.75 37.67 3.26
CA ILE B 460 -6.68 38.30 4.20
C ILE B 460 -8.11 37.90 3.87
N THR B 461 -8.45 37.87 2.58
CA THR B 461 -9.78 37.44 2.16
C THR B 461 -10.04 36.00 2.58
N VAL B 462 -9.04 35.14 2.44
CA VAL B 462 -9.17 33.75 2.91
C VAL B 462 -9.36 33.72 4.41
N ALA B 463 -8.60 34.55 5.14
CA ALA B 463 -8.71 34.57 6.59
C ALA B 463 -10.08 35.04 7.04
N VAL B 464 -10.69 35.97 6.30
CA VAL B 464 -12.03 36.43 6.64
C VAL B 464 -13.04 35.31 6.45
N TYR B 465 -12.88 34.51 5.39
CA TYR B 465 -13.75 33.37 5.18
C TYR B 465 -13.65 32.36 6.32
N PHE B 466 -12.52 32.33 7.01
CA PHE B 466 -12.38 31.44 8.15
C PHE B 466 -13.15 31.97 9.37
N LEU B 467 -13.27 33.29 9.50
CA LEU B 467 -14.18 33.83 10.52
C LEU B 467 -15.59 33.30 10.32
N LEU B 468 -16.04 33.26 9.06
CA LEU B 468 -17.33 32.67 8.76
C LEU B 468 -17.31 31.16 8.92
N ALA B 469 -16.12 30.54 8.85
CA ALA B 469 -16.03 29.11 9.12
C ALA B 469 -16.35 28.81 10.58
N MET B 470 -15.87 29.65 11.50
CA MET B 470 -16.41 29.64 12.85
C MET B 470 -17.87 30.07 12.82
N PHE B 471 -18.54 29.96 13.97
CA PHE B 471 -19.98 30.10 14.11
C PHE B 471 -20.70 28.97 13.39
N PHE B 472 -19.98 28.01 12.81
CA PHE B 472 -20.58 26.84 12.19
C PHE B 472 -19.93 25.56 12.69
N THR B 473 -19.32 25.61 13.88
CA THR B 473 -18.77 24.39 14.48
C THR B 473 -19.80 23.28 14.64
N PRO B 474 -21.03 23.52 15.09
CA PRO B 474 -22.01 22.43 15.08
C PRO B 474 -22.27 21.86 13.71
N LEU B 475 -22.18 22.70 12.68
CA LEU B 475 -22.43 22.25 11.33
C LEU B 475 -21.25 21.45 10.79
N LEU B 476 -20.06 21.63 11.39
CA LEU B 476 -18.85 20.94 10.98
C LEU B 476 -18.49 19.76 11.87
N ALA B 477 -18.97 19.74 13.11
CA ALA B 477 -18.71 18.62 14.00
C ALA B 477 -19.57 17.41 13.69
N SER B 478 -20.55 17.54 12.80
CA SER B 478 -21.46 16.47 12.44
C SER B 478 -21.07 15.77 11.14
N ILE B 479 -19.79 15.80 10.80
CA ILE B 479 -19.32 15.22 9.54
C ILE B 479 -18.81 13.81 9.79
N PRO B 480 -19.43 12.80 9.18
CA PRO B 480 -19.11 11.40 9.51
C PRO B 480 -17.80 10.95 8.88
N ALA B 481 -17.38 9.75 9.28
CA ALA B 481 -16.13 9.19 8.78
C ALA B 481 -16.18 8.94 7.28
N TRP B 482 -17.31 8.45 6.78
CA TRP B 482 -17.43 8.19 5.35
C TRP B 482 -17.51 9.47 4.53
N ALA B 483 -17.64 10.63 5.18
CA ALA B 483 -17.54 11.90 4.46
C ALA B 483 -16.09 12.38 4.39
N VAL B 484 -15.31 12.13 5.43
CA VAL B 484 -13.88 12.45 5.38
C VAL B 484 -13.21 11.63 4.29
N GLY B 485 -13.21 10.31 4.44
CA GLY B 485 -13.37 9.39 3.34
C GLY B 485 -12.70 9.75 2.03
N PRO B 486 -13.54 9.96 1.02
CA PRO B 486 -13.05 10.12 -0.36
C PRO B 486 -12.08 11.28 -0.54
N PRO B 487 -12.26 12.41 0.15
CA PRO B 487 -11.21 13.44 0.09
C PRO B 487 -9.83 12.92 0.45
N LEU B 488 -9.73 12.02 1.43
CA LEU B 488 -8.43 11.43 1.76
C LEU B 488 -7.89 10.62 0.60
N ILE B 489 -8.75 9.84 -0.06
CA ILE B 489 -8.31 9.05 -1.21
C ILE B 489 -7.93 9.95 -2.36
N LEU B 490 -8.74 10.98 -2.63
CA LEU B 490 -8.50 11.83 -3.79
C LEU B 490 -7.31 12.75 -3.58
N VAL B 491 -7.02 13.13 -2.33
CA VAL B 491 -5.77 13.84 -2.06
C VAL B 491 -4.58 12.96 -2.41
N GLY B 492 -4.68 11.66 -2.11
CA GLY B 492 -3.60 10.75 -2.47
C GLY B 492 -3.40 10.59 -3.95
N VAL B 493 -4.47 10.76 -4.74
CA VAL B 493 -4.34 10.68 -6.19
C VAL B 493 -3.50 11.84 -6.71
N MET B 494 -3.78 13.05 -6.23
CA MET B 494 -3.02 14.22 -6.66
C MET B 494 -1.57 14.14 -6.21
N MET B 495 -1.33 13.67 -4.98
CA MET B 495 0.04 13.58 -4.49
C MET B 495 0.82 12.47 -5.18
N MET B 496 0.14 11.64 -5.96
CA MET B 496 0.76 10.51 -6.65
C MET B 496 1.47 10.93 -7.93
N LYS B 497 1.26 12.16 -8.40
CA LYS B 497 1.83 12.61 -9.67
C LYS B 497 3.34 12.81 -9.61
N SER B 498 3.93 12.84 -8.41
CA SER B 498 5.35 13.08 -8.29
C SER B 498 6.20 11.89 -8.70
N VAL B 499 5.59 10.72 -8.88
CA VAL B 499 6.36 9.53 -9.23
C VAL B 499 6.99 9.66 -10.61
N THR B 500 6.41 10.50 -11.47
CA THR B 500 6.98 10.70 -12.81
C THR B 500 8.32 11.41 -12.77
N GLU B 501 8.71 12.00 -11.64
CA GLU B 501 9.98 12.68 -11.48
C GLU B 501 11.08 11.74 -10.96
N ILE B 502 10.77 10.47 -10.76
CA ILE B 502 11.72 9.49 -10.25
C ILE B 502 12.29 8.70 -11.43
N ASP B 503 13.61 8.57 -11.45
CA ASP B 503 14.28 7.76 -12.47
C ASP B 503 14.12 6.29 -12.08
N TRP B 504 13.02 5.69 -12.51
CA TRP B 504 12.72 4.31 -12.16
C TRP B 504 13.63 3.31 -12.85
N GLU B 505 14.35 3.72 -13.89
CA GLU B 505 15.33 2.83 -14.51
C GLU B 505 16.59 2.69 -13.65
N ASP B 506 16.93 3.72 -12.87
CA ASP B 506 18.08 3.67 -12.00
C ASP B 506 17.69 3.03 -10.67
N MET B 507 18.29 1.89 -10.36
CA MET B 507 17.95 1.18 -9.13
C MET B 507 18.40 1.96 -7.89
N ARG B 508 19.46 2.76 -8.01
CA ARG B 508 19.88 3.59 -6.89
C ARG B 508 18.88 4.70 -6.60
N GLU B 509 18.03 5.03 -7.56
CA GLU B 509 16.94 5.98 -7.37
C GLU B 509 15.59 5.32 -7.15
N ALA B 510 15.32 4.22 -7.85
CA ALA B 510 14.01 3.57 -7.76
C ALA B 510 13.81 2.89 -6.41
N ILE B 511 14.81 2.17 -5.93
CA ILE B 511 14.68 1.40 -4.70
C ILE B 511 14.46 2.32 -3.50
N PRO B 512 15.27 3.38 -3.29
CA PRO B 512 14.94 4.31 -2.19
C PRO B 512 13.60 4.99 -2.36
N ALA B 513 13.21 5.29 -3.60
CA ALA B 513 11.91 5.91 -3.83
C ALA B 513 10.78 4.94 -3.56
N PHE B 514 10.94 3.68 -3.98
CA PHE B 514 9.92 2.69 -3.70
C PHE B 514 9.78 2.41 -2.21
N VAL B 515 10.91 2.31 -1.50
CA VAL B 515 10.87 2.05 -0.06
C VAL B 515 10.20 3.21 0.66
N THR B 516 10.56 4.45 0.30
CA THR B 516 9.91 5.60 0.90
C THR B 516 8.42 5.60 0.61
N MET B 517 8.04 5.24 -0.60
CA MET B 517 6.64 5.35 -1.02
C MET B 517 5.79 4.25 -0.40
N ILE B 518 6.34 3.05 -0.23
CA ILE B 518 5.53 1.92 0.22
C ILE B 518 5.53 1.77 1.74
N LEU B 519 6.57 2.25 2.42
CA LEU B 519 6.63 2.08 3.87
C LEU B 519 5.66 3.01 4.59
N MET B 520 5.41 4.19 4.02
CA MET B 520 4.48 5.13 4.66
C MET B 520 3.07 4.58 4.80
N PRO B 521 2.49 3.88 3.82
CA PRO B 521 1.18 3.25 4.08
C PRO B 521 1.28 1.91 4.81
N LEU B 522 2.34 1.14 4.56
CA LEU B 522 2.40 -0.21 5.11
C LEU B 522 2.80 -0.21 6.58
N THR B 523 3.94 0.40 6.91
CA THR B 523 4.25 0.68 8.31
C THR B 523 3.34 1.76 8.86
N TYR B 524 2.61 2.44 7.97
CA TYR B 524 1.53 3.36 8.30
C TYR B 524 2.11 4.58 9.02
N SER B 525 3.33 4.96 8.63
CA SER B 525 4.07 6.01 9.31
C SER B 525 4.92 6.78 8.31
N VAL B 526 4.78 8.11 8.32
CA VAL B 526 5.62 8.95 7.46
C VAL B 526 7.07 8.87 7.90
N ALA B 527 7.31 8.83 9.22
CA ALA B 527 8.68 8.79 9.72
C ALA B 527 9.40 7.52 9.28
N TYR B 528 8.71 6.38 9.34
CA TYR B 528 9.36 5.12 8.98
C TYR B 528 9.66 5.06 7.49
N GLY B 529 8.77 5.62 6.66
CA GLY B 529 9.07 5.70 5.24
C GLY B 529 10.27 6.57 4.95
N LEU B 530 10.41 7.69 5.67
CA LEU B 530 11.57 8.54 5.50
C LEU B 530 12.84 7.86 5.98
N ILE B 531 12.78 7.20 7.14
CA ILE B 531 13.97 6.53 7.68
C ILE B 531 14.41 5.39 6.77
N GLY B 532 13.46 4.58 6.32
CA GLY B 532 13.80 3.47 5.45
C GLY B 532 14.32 3.93 4.09
N GLY B 533 13.69 4.95 3.52
CA GLY B 533 14.15 5.46 2.23
C GLY B 533 15.52 6.10 2.31
N ILE B 534 15.74 6.93 3.33
CA ILE B 534 17.06 7.53 3.51
C ILE B 534 18.09 6.46 3.83
N GLY B 535 17.73 5.50 4.68
CA GLY B 535 18.64 4.41 4.99
C GLY B 535 18.99 3.57 3.78
N SER B 536 18.00 3.28 2.94
CA SER B 536 18.27 2.50 1.73
C SER B 536 19.06 3.31 0.71
N TYR B 537 18.82 4.63 0.65
CA TYR B 537 19.60 5.48 -0.23
C TYR B 537 21.07 5.50 0.18
N VAL B 538 21.35 5.63 1.47
CA VAL B 538 22.72 5.69 1.94
C VAL B 538 23.44 4.38 1.67
N VAL B 539 22.78 3.26 1.95
CA VAL B 539 23.40 1.95 1.74
C VAL B 539 23.69 1.73 0.25
N LEU B 540 22.74 2.09 -0.61
CA LEU B 540 22.90 1.83 -2.04
C LEU B 540 23.96 2.73 -2.66
N HIS B 541 24.33 3.82 -1.99
CA HIS B 541 25.35 4.73 -2.49
C HIS B 541 26.68 4.59 -1.77
N LEU B 542 26.81 3.62 -0.87
CA LEU B 542 28.09 3.44 -0.17
C LEU B 542 29.20 3.06 -1.13
N TRP B 543 28.90 2.19 -2.10
CA TRP B 543 29.90 1.80 -3.09
C TRP B 543 30.33 2.99 -3.93
N ASP B 544 29.36 3.77 -4.42
CA ASP B 544 29.68 4.93 -5.24
C ASP B 544 30.44 5.98 -4.44
N TRP B 545 30.00 6.26 -3.21
CA TRP B 545 30.71 7.23 -2.38
C TRP B 545 32.09 6.70 -1.98
N GLY B 546 32.18 5.42 -1.65
CA GLY B 546 33.47 4.84 -1.29
C GLY B 546 34.44 4.84 -2.46
N GLU B 547 33.97 4.49 -3.65
CA GLU B 547 34.81 4.54 -4.83
C GLU B 547 35.27 5.95 -5.14
N GLU B 548 34.35 6.92 -5.06
CA GLU B 548 34.71 8.31 -5.32
C GLU B 548 35.65 8.85 -4.26
N GLY B 549 35.47 8.42 -3.00
CA GLY B 549 36.36 8.86 -1.95
C GLY B 549 37.78 8.37 -2.14
N LEU B 550 37.95 7.13 -2.60
CA LEU B 550 39.28 6.61 -2.87
C LEU B 550 39.95 7.36 -4.01
N VAL B 551 39.17 7.74 -5.03
CA VAL B 551 39.71 8.52 -6.13
C VAL B 551 40.22 9.87 -5.64
N LYS B 552 39.44 10.52 -4.76
CA LYS B 552 39.90 11.77 -4.18
C LYS B 552 41.17 11.58 -3.36
N LEU B 553 41.25 10.47 -2.62
CA LEU B 553 42.48 10.15 -1.89
C LEU B 553 43.61 9.75 -2.83
N GLY B 554 43.28 9.19 -4.00
CA GLY B 554 44.27 8.81 -4.99
C GLY B 554 44.54 7.33 -5.11
N PHE B 555 43.86 6.49 -4.32
CA PHE B 555 44.09 5.06 -4.40
C PHE B 555 43.57 4.47 -5.70
N LEU B 556 42.59 5.12 -6.33
CA LEU B 556 42.01 4.64 -7.57
C LEU B 556 42.02 5.76 -8.61
N LYS B 557 41.95 5.36 -9.88
CA LYS B 557 41.98 6.31 -10.98
C LYS B 557 40.60 6.44 -11.62
C1 NAG C . -20.53 -7.58 31.23
C2 NAG C . -20.35 -8.45 32.44
C3 NAG C . -20.89 -9.81 32.33
C4 NAG C . -22.24 -9.85 31.71
C5 NAG C . -22.25 -9.14 30.32
C6 NAG C . -23.54 -9.20 29.75
C7 NAG C . -18.27 -7.88 33.87
C8 NAG C . -16.78 -7.99 34.15
N2 NAG C . -18.85 -8.57 32.73
O3 NAG C . -20.97 -10.37 33.69
O4 NAG C . -22.76 -11.18 31.56
O5 NAG C . -21.85 -7.70 30.60
O6 NAG C . -23.57 -8.33 28.66
O7 NAG C . -18.97 -7.23 34.58
C1 NAG C . -21.75 -12.15 31.27
C2 NAG C . -22.04 -13.38 32.10
C3 NAG C . -21.09 -14.45 31.85
C4 NAG C . -21.09 -14.84 30.43
C5 NAG C . -20.74 -13.64 29.49
C6 NAG C . -20.91 -14.02 28.14
C7 NAG C . -23.29 -12.70 34.24
C8 NAG C . -23.29 -12.31 35.72
N2 NAG C . -22.03 -13.00 33.58
O3 NAG C . -21.46 -15.61 32.69
O4 NAG C . -20.11 -15.87 30.26
O5 NAG C . -21.71 -12.49 29.83
O6 NAG C . -21.71 -13.07 27.52
O7 NAG C . -24.31 -12.75 33.64
C1 NAG D . -3.85 -28.39 25.31
C2 NAG D . -5.20 -28.53 25.96
C3 NAG D . -5.54 -27.56 26.99
C4 NAG D . -4.44 -27.07 27.87
C5 NAG D . -3.04 -26.96 27.18
C6 NAG D . -2.03 -26.86 28.16
C7 NAG D . -7.56 -29.15 25.08
C8 NAG D . -8.63 -29.07 24.00
N2 NAG D . -6.29 -28.46 24.89
O3 NAG D . -6.57 -28.22 27.84
O4 NAG D . -4.74 -25.76 28.34
O5 NAG D . -2.81 -28.19 26.32
O6 NAG D . -0.81 -26.77 27.49
O7 NAG D . -7.74 -29.78 26.06
C1 NAG D . -5.82 -25.73 29.31
C2 NAG D . -5.32 -26.29 30.61
C3 NAG D . -5.69 -25.46 31.75
C4 NAG D . -5.11 -24.10 31.65
C5 NAG D . -5.52 -23.38 30.33
C6 NAG D . -4.38 -22.91 29.64
C7 NAG D . -5.10 -28.74 31.39
C8 NAG D . -5.68 -30.13 31.59
N2 NAG D . -5.90 -27.68 30.82
O3 NAG D . -5.21 -26.10 33.00
O4 NAG D . -5.58 -23.34 32.76
O5 NAG D . -6.34 -24.35 29.46
O6 NAG D . -3.28 -23.74 29.95
O7 NAG D . -3.98 -28.52 31.69
N9 ADE E . 8.98 -12.39 -14.74
C8 ADE E . 8.51 -12.91 -13.61
N7 ADE E . 7.18 -12.95 -13.69
C5 ADE E . 6.80 -12.46 -14.90
C6 ADE E . 5.55 -12.26 -15.55
N6 ADE E . 4.31 -12.62 -14.90
N1 ADE E . 5.54 -11.74 -16.77
C2 ADE E . 6.67 -11.42 -17.38
N3 ADE E . 7.84 -11.59 -16.81
C4 ADE E . 7.94 -12.12 -15.56
H8 ADE E . 9.02 -13.18 -12.88
HN61 ADE E . 3.87 -12.03 -14.47
HN62 ADE E . 4.02 -13.43 -14.93
H2 ADE E . 6.63 -11.06 -18.24
N9 ADE F . -2.96 21.01 1.04
C8 ADE F . -3.40 20.21 1.99
N7 ADE F . -2.36 19.83 2.74
C5 ADE F . -1.25 20.42 2.26
C6 ADE F . 0.13 20.39 2.63
N6 ADE F . 0.57 19.62 3.77
N1 ADE F . 0.98 21.10 1.92
C2 ADE F . 0.59 21.82 0.87
N3 ADE F . -0.67 21.85 0.50
C4 ADE F . -1.62 21.16 1.19
H8 ADE F . -4.29 19.93 2.11
HN61 ADE F . 1.24 19.07 3.68
HN62 ADE F . 0.18 19.69 4.52
H2 ADE F . 1.22 22.30 0.40
#